data_3KJD
#
_entry.id   3KJD
#
_cell.length_a   58.134
_cell.length_b   134.611
_cell.length_c   58.314
_cell.angle_alpha   90.00
_cell.angle_beta   117.68
_cell.angle_gamma   90.00
#
_symmetry.space_group_name_H-M   'P 1 21 1'
#
loop_
_entity.id
_entity.type
_entity.pdbx_description
1 polymer 'Poly [ADP-ribose] polymerase 2'
2 non-polymer (2R)-2-(7-carbamoyl-1H-benzimidazol-2-yl)-2-methylpyrrolidinium
3 non-polymer GLYCEROL
4 water water
#
_entity_poly.entity_id   1
_entity_poly.type   'polypeptide(L)'
_entity_poly.pdbx_seq_one_letter_code
;MHHHHHHSSGVDLGTENLYFQSMDLRVQELIKLICNVQAMEEMMMEMKYNTKKAPLGKLTVAQIKAGYQSLKKIEDCIRA
GQHGRALMEACNEFYTRIPHDFGLRTPPLIRTQKELSEKIQLLEALGDIEIAIKLVKTELQSPEHPLDQHYRNLHCALRP
LDHESYEFKVISQYLQSTHAPTHSDYTMTLLDLFEVEKDGEKEAFREDLHNRMLLWHGSRMSNWVGILSHGLRIAHPEAP
ITGYMFGKGIYFADMSSKSANYCFASRLKNTGLLLLSEVALGQCNELLEANPKAEGLLQGKHSTKGLGKMAPSSAHFVTL
NGSTVPLGPASDTGILNPDGYTLNYNEYIVYNPNQVRMRYLLKVQFNF
;
_entity_poly.pdbx_strand_id   A,B
#
loop_
_chem_comp.id
_chem_comp.type
_chem_comp.name
_chem_comp.formula
78P non-polymer (2R)-2-(7-carbamoyl-1H-benzimidazol-2-yl)-2-methylpyrrolidinium 'C13 H16 N4 O'
GOL non-polymer GLYCEROL 'C3 H8 O3'
#
# COMPACT_ATOMS: atom_id res chain seq x y z
N THR A 15 -8.64 39.30 17.87
CA THR A 15 -8.93 38.41 19.04
C THR A 15 -10.02 37.36 18.74
N GLU A 16 -10.28 37.14 17.45
CA GLU A 16 -11.30 36.20 16.98
C GLU A 16 -11.03 34.75 17.47
N ASN A 17 -9.74 34.39 17.55
CA ASN A 17 -9.29 33.06 17.96
C ASN A 17 -9.64 32.67 19.40
N LEU A 18 -9.81 33.66 20.27
CA LEU A 18 -10.23 33.42 21.66
C LEU A 18 -11.70 32.99 21.70
N TYR A 19 -12.44 33.37 20.67
CA TYR A 19 -13.84 33.02 20.59
C TYR A 19 -14.05 31.73 19.81
N PHE A 20 -13.42 31.65 18.64
CA PHE A 20 -13.71 30.59 17.68
C PHE A 20 -12.67 29.49 17.43
N GLN A 21 -11.44 29.65 17.93
CA GLN A 21 -10.39 28.61 17.88
C GLN A 21 -10.06 28.06 16.48
N SER A 22 -9.52 28.90 15.60
CA SER A 22 -9.19 28.52 14.22
C SER A 22 -7.82 27.85 14.08
N MET A 23 -7.64 27.15 12.98
CA MET A 23 -6.31 26.70 12.58
C MET A 23 -5.45 27.95 12.41
N ASP A 24 -4.30 27.98 13.07
CA ASP A 24 -3.34 29.08 12.95
C ASP A 24 -3.13 29.38 11.48
N LEU A 25 -3.10 30.66 11.11
CA LEU A 25 -2.97 31.04 9.70
C LEU A 25 -1.74 30.46 9.02
N ARG A 26 -0.65 30.30 9.75
CA ARG A 26 0.58 29.79 9.18
C ARG A 26 0.48 28.27 8.83
N VAL A 27 -0.31 27.56 9.61
CA VAL A 27 -0.62 26.15 9.37
C VAL A 27 -1.57 26.03 8.19
N GLN A 28 -2.59 26.90 8.11
CA GLN A 28 -3.46 26.94 6.95
C GLN A 28 -2.67 27.14 5.67
N GLU A 29 -1.77 28.11 5.66
CA GLU A 29 -0.98 28.37 4.46
C GLU A 29 -0.03 27.20 4.09
N LEU A 30 0.53 26.55 5.10
CA LEU A 30 1.30 25.33 4.89
C LEU A 30 0.46 24.26 4.23
N ILE A 31 -0.75 24.05 4.75
CA ILE A 31 -1.59 22.98 4.29
C ILE A 31 -2.04 23.27 2.87
N LYS A 32 -2.41 24.52 2.60
CA LYS A 32 -2.79 24.95 1.25
C LYS A 32 -1.66 24.68 0.31
N LEU A 33 -0.44 24.95 0.75
CA LEU A 33 0.72 24.78 -0.09
C LEU A 33 0.97 23.29 -0.48
N ILE A 34 1.11 22.43 0.51
CA ILE A 34 1.45 21.04 0.23
C ILE A 34 0.28 20.26 -0.40
N CYS A 35 -0.95 20.68 -0.15
CA CYS A 35 -2.12 19.99 -0.73
C CYS A 35 -2.54 20.44 -2.13
N ASN A 36 -1.78 21.34 -2.76
CA ASN A 36 -2.12 21.89 -4.08
C ASN A 36 -1.86 20.85 -5.20
N VAL A 37 -2.94 20.28 -5.71
CA VAL A 37 -2.89 19.22 -6.71
C VAL A 37 -2.43 19.76 -8.05
N GLN A 38 -2.79 21.01 -8.39
CA GLN A 38 -2.27 21.66 -9.58
C GLN A 38 -0.74 21.75 -9.60
N ALA A 39 -0.12 22.16 -8.47
CA ALA A 39 1.33 22.16 -8.38
C ALA A 39 1.90 20.75 -8.63
N MET A 40 1.23 19.73 -8.11
CA MET A 40 1.72 18.35 -8.35
C MET A 40 1.71 17.98 -9.83
N GLU A 41 0.65 18.33 -10.51
CA GLU A 41 0.56 18.12 -11.97
C GLU A 41 1.67 18.83 -12.75
N GLU A 42 1.89 20.10 -12.43
CA GLU A 42 2.99 20.86 -13.02
C GLU A 42 4.34 20.27 -12.68
N MET A 43 4.54 19.86 -11.44
CA MET A 43 5.82 19.27 -11.09
C MET A 43 6.07 17.97 -11.92
N MET A 44 5.05 17.10 -12.08
CA MET A 44 5.24 15.85 -12.84
C MET A 44 5.46 16.15 -14.35
N MET A 45 4.76 17.14 -14.88
CA MET A 45 4.98 17.56 -16.29
C MET A 45 6.41 18.04 -16.53
N GLU A 46 6.99 18.70 -15.53
CA GLU A 46 8.41 19.15 -15.59
C GLU A 46 9.30 17.94 -15.58
N MET A 47 8.90 16.90 -14.87
CA MET A 47 9.68 15.66 -14.86
C MET A 47 9.41 14.79 -16.09
N LYS A 48 8.64 15.30 -17.06
CA LYS A 48 8.35 14.61 -18.35
C LYS A 48 7.30 13.50 -18.27
N TYR A 49 6.60 13.42 -17.14
CA TYR A 49 5.49 12.46 -17.02
C TYR A 49 4.29 13.00 -17.82
N ASN A 50 3.59 12.11 -18.50
CA ASN A 50 2.50 12.55 -19.37
C ASN A 50 1.17 12.53 -18.63
N THR A 51 0.88 13.62 -17.92
CA THR A 51 -0.34 13.74 -17.15
C THR A 51 -1.61 13.69 -18.02
N LYS A 52 -1.51 14.01 -19.31
CA LYS A 52 -2.69 13.99 -20.18
C LYS A 52 -3.05 12.58 -20.56
N LYS A 53 -2.06 11.76 -20.87
CA LYS A 53 -2.30 10.35 -21.19
C LYS A 53 -2.67 9.54 -19.94
N ALA A 54 -2.04 9.85 -18.80
CA ALA A 54 -2.22 9.11 -17.54
C ALA A 54 -2.49 10.11 -16.42
N PRO A 55 -3.75 10.62 -16.33
CA PRO A 55 -4.05 11.62 -15.31
C PRO A 55 -3.69 11.07 -13.92
N LEU A 56 -3.15 11.94 -13.06
CA LEU A 56 -2.68 11.51 -11.75
C LEU A 56 -3.79 10.91 -10.87
N GLY A 57 -5.01 11.40 -11.06
CA GLY A 57 -6.19 10.92 -10.35
C GLY A 57 -6.50 9.47 -10.57
N LYS A 58 -6.05 8.92 -11.67
CA LYS A 58 -6.34 7.55 -12.00
C LYS A 58 -5.13 6.64 -11.77
N LEU A 59 -4.00 7.20 -11.30
CA LEU A 59 -2.82 6.41 -11.06
C LEU A 59 -3.03 5.54 -9.83
N THR A 60 -2.63 4.29 -9.90
CA THR A 60 -2.81 3.38 -8.78
C THR A 60 -1.48 2.90 -8.24
N VAL A 61 -1.50 2.33 -7.03
CA VAL A 61 -0.29 1.79 -6.46
C VAL A 61 0.21 0.63 -7.29
N ALA A 62 -0.70 -0.17 -7.83
CA ALA A 62 -0.31 -1.32 -8.64
C ALA A 62 0.46 -0.90 -9.91
N GLN A 63 0.02 0.18 -10.53
CA GLN A 63 0.68 0.69 -11.74
C GLN A 63 2.07 1.20 -11.47
N ILE A 64 2.24 1.87 -10.33
CA ILE A 64 3.55 2.35 -9.91
C ILE A 64 4.44 1.15 -9.63
N LYS A 65 3.92 0.18 -8.87
CA LYS A 65 4.66 -1.06 -8.65
C LYS A 65 5.08 -1.71 -9.97
N ALA A 66 4.19 -1.73 -10.94
CA ALA A 66 4.52 -2.36 -12.22
C ALA A 66 5.62 -1.55 -12.93
N GLY A 67 5.52 -0.23 -12.85
CA GLY A 67 6.65 0.66 -13.23
C GLY A 67 7.99 0.28 -12.61
N TYR A 68 8.05 0.08 -11.31
CA TYR A 68 9.30 -0.35 -10.69
C TYR A 68 9.83 -1.69 -11.25
N GLN A 69 8.93 -2.62 -11.47
CA GLN A 69 9.30 -3.92 -12.04
C GLN A 69 9.90 -3.79 -13.44
N SER A 70 9.39 -2.85 -14.23
CA SER A 70 10.02 -2.55 -15.54
C SER A 70 11.39 -1.96 -15.35
N LEU A 71 11.55 -1.05 -14.37
CA LEU A 71 12.87 -0.47 -14.08
C LEU A 71 13.86 -1.54 -13.62
N LYS A 72 13.35 -2.57 -12.96
CA LYS A 72 14.21 -3.69 -12.56
C LYS A 72 14.69 -4.44 -13.81
N LYS A 73 13.81 -4.59 -14.82
CA LYS A 73 14.22 -5.26 -16.05
C LYS A 73 15.28 -4.46 -16.72
N ILE A 74 15.13 -3.13 -16.70
CA ILE A 74 16.16 -2.23 -17.22
C ILE A 74 17.48 -2.39 -16.46
N GLU A 75 17.39 -2.52 -15.14
CA GLU A 75 18.56 -2.70 -14.31
C GLU A 75 19.33 -3.98 -14.70
N ASP A 76 18.60 -5.09 -14.85
CA ASP A 76 19.14 -6.38 -15.30
C ASP A 76 19.93 -6.18 -16.60
N CYS A 77 19.34 -5.41 -17.54
CA CYS A 77 19.98 -5.16 -18.83
C CYS A 77 21.24 -4.33 -18.68
N ILE A 78 21.20 -3.24 -17.91
CA ILE A 78 22.38 -2.42 -17.67
C ILE A 78 23.50 -3.25 -17.04
N ARG A 79 23.13 -4.09 -16.07
CA ARG A 79 24.10 -4.89 -15.36
C ARG A 79 24.78 -5.93 -16.29
N ALA A 80 24.02 -6.46 -17.26
CA ALA A 80 24.55 -7.47 -18.20
C ALA A 80 25.23 -6.85 -19.42
N GLY A 81 25.30 -5.51 -19.49
CA GLY A 81 25.81 -4.78 -20.63
C GLY A 81 24.94 -4.84 -21.88
N GLN A 82 23.70 -5.28 -21.74
CA GLN A 82 22.81 -5.45 -22.91
C GLN A 82 22.36 -4.10 -23.46
N HIS A 83 22.16 -4.02 -24.77
CA HIS A 83 21.64 -2.78 -25.41
C HIS A 83 20.64 -3.02 -26.54
N GLY A 84 20.55 -4.26 -27.03
CA GLY A 84 19.63 -4.58 -28.11
C GLY A 84 18.19 -4.81 -27.67
N ARG A 85 17.60 -5.87 -28.24
CA ARG A 85 16.18 -6.16 -28.07
C ARG A 85 15.69 -6.14 -26.62
N ALA A 86 16.42 -6.79 -25.70
CA ALA A 86 15.96 -6.93 -24.30
C ALA A 86 15.80 -5.55 -23.65
N LEU A 87 16.78 -4.66 -23.84
CA LEU A 87 16.75 -3.35 -23.25
C LEU A 87 15.69 -2.44 -23.88
N MET A 88 15.54 -2.51 -25.19
CA MET A 88 14.52 -1.72 -25.89
C MET A 88 13.19 -2.17 -25.40
N GLU A 89 12.98 -3.49 -25.37
CA GLU A 89 11.70 -4.06 -24.89
C GLU A 89 11.39 -3.54 -23.45
N ALA A 90 12.42 -3.42 -22.63
CA ALA A 90 12.30 -3.03 -21.20
C ALA A 90 11.95 -1.55 -21.07
N CYS A 91 12.66 -0.71 -21.82
CA CYS A 91 12.40 0.72 -21.78
C CYS A 91 11.05 1.04 -22.39
N ASN A 92 10.65 0.34 -23.44
CA ASN A 92 9.32 0.50 -24.03
C ASN A 92 8.24 0.06 -23.08
N GLU A 93 8.46 -1.05 -22.40
CA GLU A 93 7.55 -1.48 -21.38
C GLU A 93 7.42 -0.42 -20.28
N PHE A 94 8.55 0.06 -19.77
CA PHE A 94 8.52 1.12 -18.75
C PHE A 94 7.73 2.37 -19.19
N TYR A 95 8.02 2.87 -20.39
CA TYR A 95 7.33 4.04 -20.93
C TYR A 95 5.85 3.75 -21.26
N THR A 96 5.51 2.49 -21.51
CA THR A 96 4.13 2.12 -21.69
C THR A 96 3.39 2.23 -20.36
N ARG A 97 4.00 1.69 -19.32
CA ARG A 97 3.38 1.68 -17.97
C ARG A 97 3.35 3.03 -17.27
N ILE A 98 4.39 3.83 -17.50
CA ILE A 98 4.52 5.14 -16.87
C ILE A 98 4.73 6.14 -18.01
N PRO A 99 3.61 6.61 -18.59
CA PRO A 99 3.71 7.39 -19.81
C PRO A 99 4.53 8.67 -19.65
N HIS A 100 5.38 8.93 -20.64
CA HIS A 100 6.20 10.14 -20.69
C HIS A 100 5.87 10.99 -21.91
N ASP A 101 6.23 12.28 -21.88
CA ASP A 101 5.97 13.13 -23.02
C ASP A 101 7.29 13.73 -23.49
N PHE A 102 7.86 13.16 -24.53
CA PHE A 102 9.14 13.65 -25.04
C PHE A 102 8.94 14.49 -26.32
N GLY A 103 7.68 14.85 -26.57
CA GLY A 103 7.23 15.56 -27.77
C GLY A 103 7.63 14.82 -29.03
N LEU A 104 8.45 15.46 -29.85
CA LEU A 104 8.87 14.86 -31.12
C LEU A 104 10.21 14.17 -31.08
N ARG A 105 10.83 14.13 -29.92
CA ARG A 105 12.20 13.66 -29.75
C ARG A 105 12.17 12.16 -29.52
N THR A 106 13.19 11.45 -30.00
CA THR A 106 13.36 10.01 -29.74
C THR A 106 13.30 9.73 -28.22
N PRO A 107 12.41 8.84 -27.75
CA PRO A 107 12.47 8.59 -26.31
C PRO A 107 13.83 8.04 -25.90
N PRO A 108 14.49 8.62 -24.90
CA PRO A 108 15.83 8.17 -24.58
C PRO A 108 15.86 6.85 -23.86
N LEU A 109 16.93 6.12 -24.12
CA LEU A 109 17.21 4.89 -23.40
C LEU A 109 17.62 5.21 -21.97
N ILE A 110 17.32 4.29 -21.06
CA ILE A 110 17.70 4.42 -19.67
C ILE A 110 18.89 3.45 -19.53
N ARG A 111 20.08 4.00 -19.40
CA ARG A 111 21.31 3.17 -19.45
C ARG A 111 22.34 3.43 -18.37
N THR A 112 22.18 4.47 -17.55
CA THR A 112 23.12 4.72 -16.44
C THR A 112 22.45 4.72 -15.06
N GLN A 113 23.27 4.74 -14.01
CA GLN A 113 22.79 4.71 -12.65
C GLN A 113 22.03 5.99 -12.33
N LYS A 114 22.53 7.11 -12.82
CA LYS A 114 21.89 8.39 -12.60
C LYS A 114 20.54 8.44 -13.32
N GLU A 115 20.48 7.87 -14.53
CA GLU A 115 19.24 7.84 -15.27
C GLU A 115 18.22 6.90 -14.66
N LEU A 116 18.69 5.77 -14.14
CA LEU A 116 17.83 4.85 -13.41
C LEU A 116 17.30 5.52 -12.15
N SER A 117 18.20 6.22 -11.43
CA SER A 117 17.81 6.92 -10.21
C SER A 117 16.76 8.00 -10.46
N GLU A 118 16.90 8.75 -11.56
CA GLU A 118 15.91 9.78 -11.89
C GLU A 118 14.53 9.16 -12.09
N LYS A 119 14.47 8.00 -12.76
CA LYS A 119 13.17 7.33 -12.95
C LYS A 119 12.62 6.82 -11.64
N ILE A 120 13.51 6.31 -10.80
CA ILE A 120 13.10 5.93 -9.45
C ILE A 120 12.52 7.10 -8.65
N GLN A 121 13.15 8.26 -8.72
CA GLN A 121 12.63 9.43 -8.02
C GLN A 121 11.29 9.90 -8.58
N LEU A 122 11.09 9.77 -9.88
CA LEU A 122 9.82 10.05 -10.48
C LEU A 122 8.76 9.12 -9.90
N LEU A 123 9.05 7.83 -9.79
CA LEU A 123 8.07 6.92 -9.19
C LEU A 123 7.85 7.19 -7.68
N GLU A 124 8.91 7.59 -6.96
CA GLU A 124 8.75 7.96 -5.55
C GLU A 124 7.78 9.13 -5.41
N ALA A 125 7.93 10.12 -6.28
CA ALA A 125 6.99 11.23 -6.33
C ALA A 125 5.55 10.83 -6.69
N LEU A 126 5.41 10.00 -7.73
CA LEU A 126 4.10 9.48 -8.08
C LEU A 126 3.42 8.78 -6.89
N GLY A 127 4.18 7.99 -6.15
CA GLY A 127 3.71 7.28 -4.96
C GLY A 127 3.17 8.26 -3.90
N ASP A 128 3.88 9.38 -3.68
CA ASP A 128 3.42 10.35 -2.69
C ASP A 128 2.22 11.16 -3.19
N ILE A 129 2.18 11.38 -4.50
CA ILE A 129 1.03 12.00 -5.14
C ILE A 129 -0.22 11.15 -5.03
N GLU A 130 -0.09 9.85 -5.25
CA GLU A 130 -1.25 8.97 -5.15
C GLU A 130 -1.82 9.08 -3.73
N ILE A 131 -0.94 9.08 -2.74
CA ILE A 131 -1.32 9.28 -1.36
C ILE A 131 -2.07 10.62 -1.19
N ALA A 132 -1.49 11.72 -1.65
CA ALA A 132 -2.09 13.03 -1.45
C ALA A 132 -3.46 13.20 -2.11
N ILE A 133 -3.61 12.69 -3.33
CA ILE A 133 -4.87 12.90 -4.03
C ILE A 133 -5.98 12.14 -3.27
N LYS A 134 -5.70 10.94 -2.79
CA LYS A 134 -6.67 10.25 -1.93
C LYS A 134 -6.97 11.07 -0.66
N LEU A 135 -5.93 11.60 -0.03
CA LEU A 135 -6.09 12.27 1.24
C LEU A 135 -6.91 13.56 1.14
N VAL A 136 -6.79 14.30 0.04
CA VAL A 136 -7.47 15.57 -0.09
C VAL A 136 -8.88 15.48 -0.67
N LYS A 137 -9.34 14.27 -1.02
CA LYS A 137 -10.75 14.12 -1.44
C LYS A 137 -11.69 14.90 -0.51
N SER A 142 -18.17 17.99 4.13
CA SER A 142 -18.81 17.78 5.42
C SER A 142 -19.08 19.16 6.03
N PRO A 143 -19.36 19.26 7.35
CA PRO A 143 -19.42 20.62 7.94
C PRO A 143 -18.03 21.26 8.04
N GLU A 144 -17.02 20.39 8.11
CA GLU A 144 -15.62 20.74 8.26
C GLU A 144 -15.04 21.43 7.01
N HIS A 145 -14.31 22.53 7.22
CA HIS A 145 -13.56 23.24 6.16
C HIS A 145 -12.58 22.24 5.52
N PRO A 146 -12.42 22.27 4.18
CA PRO A 146 -11.42 21.42 3.53
C PRO A 146 -10.04 21.42 4.19
N LEU A 147 -9.55 22.58 4.64
CA LEU A 147 -8.19 22.63 5.24
C LEU A 147 -8.13 21.91 6.58
N ASP A 148 -9.17 22.02 7.42
CA ASP A 148 -9.21 21.28 8.68
C ASP A 148 -9.26 19.78 8.44
N GLN A 149 -10.00 19.40 7.43
CA GLN A 149 -10.12 18.03 7.02
C GLN A 149 -8.76 17.46 6.52
N HIS A 150 -8.04 18.21 5.70
CA HIS A 150 -6.70 17.75 5.22
C HIS A 150 -5.72 17.56 6.38
N TYR A 151 -5.68 18.56 7.25
CA TYR A 151 -4.80 18.52 8.41
C TYR A 151 -5.10 17.35 9.33
N ARG A 152 -6.38 17.12 9.57
CA ARG A 152 -6.76 16.01 10.44
C ARG A 152 -6.27 14.71 9.84
N ASN A 153 -6.48 14.58 8.54
CA ASN A 153 -6.14 13.36 7.80
C ASN A 153 -4.65 13.04 7.73
N LEU A 154 -3.80 14.04 7.97
CA LEU A 154 -2.35 13.79 8.15
C LEU A 154 -2.01 13.02 9.41
N HIS A 155 -2.83 13.13 10.43
CA HIS A 155 -2.51 12.51 11.70
C HIS A 155 -1.08 12.83 12.08
N CYS A 156 -0.80 14.14 12.02
CA CYS A 156 0.52 14.70 12.26
C CYS A 156 0.31 16.12 12.73
N ALA A 157 0.67 16.40 13.97
CA ALA A 157 0.50 17.72 14.54
C ALA A 157 1.59 18.60 13.94
N LEU A 158 1.24 19.85 13.60
CA LEU A 158 2.20 20.83 13.15
C LEU A 158 1.97 22.15 13.91
N ARG A 159 2.93 22.57 14.72
CA ARG A 159 2.72 23.71 15.62
C ARG A 159 3.72 24.80 15.28
N PRO A 160 3.24 25.95 14.85
CA PRO A 160 4.19 26.99 14.50
C PRO A 160 5.02 27.45 15.70
N LEU A 161 6.27 27.79 15.49
CA LEU A 161 7.12 28.21 16.57
C LEU A 161 7.45 29.70 16.41
N ASP A 162 7.68 30.34 17.55
CA ASP A 162 7.98 31.77 17.63
C ASP A 162 9.34 32.08 17.03
N HIS A 163 9.40 33.11 16.22
CA HIS A 163 10.66 33.48 15.58
C HIS A 163 11.73 33.99 16.56
N GLU A 164 11.33 34.30 17.79
CA GLU A 164 12.25 34.74 18.84
C GLU A 164 12.52 33.61 19.84
N SER A 165 12.14 32.38 19.50
CA SER A 165 12.37 31.27 20.43
C SER A 165 13.80 30.81 20.25
N TYR A 166 14.29 30.13 21.27
CA TYR A 166 15.56 29.45 21.25
C TYR A 166 15.67 28.42 20.11
N GLU A 167 14.62 27.62 19.93
CA GLU A 167 14.61 26.58 18.90
C GLU A 167 14.82 27.22 17.52
N PHE A 168 14.08 28.30 17.24
CA PHE A 168 14.23 29.06 15.98
C PHE A 168 15.67 29.51 15.78
N LYS A 169 16.28 30.04 16.84
CA LYS A 169 17.66 30.51 16.73
C LYS A 169 18.59 29.35 16.37
N VAL A 170 18.46 28.23 17.06
CA VAL A 170 19.42 27.15 16.80
C VAL A 170 19.22 26.56 15.39
N ILE A 171 18.00 26.45 14.99
CA ILE A 171 17.70 25.86 13.67
C ILE A 171 18.11 26.81 12.53
N SER A 172 17.88 28.11 12.66
CA SER A 172 18.44 29.07 11.69
C SER A 172 19.94 28.94 11.62
N GLN A 173 20.61 28.77 12.77
CA GLN A 173 22.07 28.62 12.76
C GLN A 173 22.49 27.36 12.05
N TYR A 174 21.78 26.27 12.32
CA TYR A 174 22.09 25.00 11.70
C TYR A 174 21.90 25.13 10.19
N LEU A 175 20.77 25.71 9.79
CA LEU A 175 20.44 25.96 8.37
C LEU A 175 21.53 26.70 7.61
N GLN A 176 21.95 27.82 8.18
CA GLN A 176 22.94 28.70 7.51
C GLN A 176 24.34 28.16 7.59
N SER A 177 24.74 27.68 8.77
CA SER A 177 26.12 27.28 8.98
C SER A 177 26.48 25.97 8.32
N THR A 178 25.49 25.15 7.94
CA THR A 178 25.78 23.90 7.22
C THR A 178 25.41 24.03 5.76
N HIS A 179 25.20 25.25 5.27
CA HIS A 179 25.10 25.45 3.85
C HIS A 179 26.48 25.25 3.22
N ALA A 180 26.58 24.26 2.34
CA ALA A 180 27.85 23.84 1.81
C ALA A 180 28.41 24.83 0.77
N PRO A 181 29.75 24.97 0.75
CA PRO A 181 30.43 25.88 -0.21
C PRO A 181 30.23 25.51 -1.67
N THR A 182 30.05 24.23 -2.00
CA THR A 182 29.84 23.86 -3.41
C THR A 182 28.37 23.92 -3.88
N HIS A 183 27.49 24.37 -2.99
CA HIS A 183 26.07 24.59 -3.31
C HIS A 183 25.79 26.10 -3.32
N SER A 184 26.62 26.83 -4.06
CA SER A 184 26.59 28.30 -4.05
C SER A 184 25.63 28.94 -5.03
N ASP A 185 24.75 28.13 -5.66
CA ASP A 185 23.77 28.69 -6.61
C ASP A 185 22.54 29.28 -5.94
N TYR A 186 22.44 29.12 -4.63
CA TYR A 186 21.38 29.78 -3.87
C TYR A 186 21.77 29.97 -2.42
N THR A 187 21.01 30.84 -1.77
CA THR A 187 20.97 30.87 -0.33
C THR A 187 19.54 30.57 0.12
N MET A 188 19.37 30.38 1.42
CA MET A 188 18.09 30.06 1.99
C MET A 188 17.72 31.08 3.07
N THR A 189 16.45 31.45 3.06
CA THR A 189 15.84 32.25 4.10
C THR A 189 14.72 31.44 4.79
N LEU A 190 14.82 31.31 6.10
CA LEU A 190 13.78 30.62 6.89
C LEU A 190 12.52 31.47 7.03
N LEU A 191 11.43 31.11 6.35
CA LEU A 191 10.21 31.88 6.40
C LEU A 191 9.35 31.49 7.59
N ASP A 192 9.28 30.20 7.92
CA ASP A 192 8.53 29.80 9.08
C ASP A 192 8.99 28.45 9.56
N LEU A 193 8.67 28.14 10.81
CA LEU A 193 9.13 26.95 11.47
C LEU A 193 7.99 26.27 12.20
N PHE A 194 7.89 24.93 12.05
CA PHE A 194 6.83 24.16 12.72
C PHE A 194 7.44 23.00 13.46
N GLU A 195 6.96 22.76 14.67
CA GLU A 195 7.32 21.52 15.37
C GLU A 195 6.39 20.42 14.86
N VAL A 196 6.95 19.24 14.63
CA VAL A 196 6.22 18.14 14.03
C VAL A 196 6.07 17.05 15.08
N GLU A 197 4.86 16.57 15.30
CA GLU A 197 4.65 15.44 16.19
C GLU A 197 3.75 14.45 15.46
N LYS A 198 4.38 13.49 14.79
CA LYS A 198 3.66 12.46 14.06
C LYS A 198 3.17 11.38 15.02
N ASP A 199 1.90 11.08 14.95
CA ASP A 199 1.26 10.03 15.77
C ASP A 199 2.08 8.75 15.75
N GLY A 200 2.54 8.24 16.91
CA GLY A 200 3.23 6.93 17.00
C GLY A 200 4.74 6.96 17.12
N GLU A 201 5.36 7.99 16.55
CA GLU A 201 6.81 8.01 16.40
C GLU A 201 7.56 8.09 17.73
N LYS A 202 6.98 8.77 18.69
CA LYS A 202 7.64 8.98 19.97
C LYS A 202 7.83 7.61 20.64
N GLU A 203 6.74 6.84 20.65
CA GLU A 203 6.68 5.54 21.30
C GLU A 203 7.49 4.46 20.57
N ALA A 204 7.50 4.51 19.23
CA ALA A 204 8.27 3.52 18.46
C ALA A 204 9.77 3.77 18.49
N PHE A 205 10.18 5.03 18.75
CA PHE A 205 11.56 5.46 18.52
C PHE A 205 12.62 4.71 19.33
N ARG A 206 13.74 4.40 18.69
CA ARG A 206 14.86 3.76 19.35
C ARG A 206 15.69 4.72 20.23
N GLU A 207 15.07 5.11 21.35
CA GLU A 207 15.64 6.01 22.36
C GLU A 207 16.94 5.49 22.94
N ASP A 208 17.07 4.16 23.01
CA ASP A 208 18.23 3.52 23.63
C ASP A 208 19.53 3.76 22.88
N LEU A 209 19.43 3.86 21.57
CA LEU A 209 20.66 3.93 20.78
C LEU A 209 21.41 5.22 21.06
N HIS A 210 22.73 5.09 21.13
CA HIS A 210 23.64 6.23 21.18
C HIS A 210 23.71 6.98 19.83
N ASN A 211 24.39 8.12 19.84
CA ASN A 211 24.70 8.82 18.61
C ASN A 211 23.38 9.30 17.95
N ARG A 212 22.48 9.80 18.78
CA ARG A 212 21.29 10.43 18.28
C ARG A 212 21.60 11.84 17.75
N MET A 213 21.33 12.06 16.46
CA MET A 213 21.62 13.34 15.80
C MET A 213 20.36 13.93 15.18
N LEU A 214 20.32 15.25 15.12
CA LEU A 214 19.22 15.96 14.46
C LEU A 214 19.67 16.24 13.03
N LEU A 215 19.01 15.62 12.06
CA LEU A 215 19.53 15.61 10.70
C LEU A 215 18.46 16.01 9.70
N TRP A 216 18.98 16.50 8.56
CA TRP A 216 18.21 17.05 7.45
C TRP A 216 17.64 15.98 6.50
N HIS A 217 16.43 16.21 6.01
CA HIS A 217 15.88 15.48 4.85
C HIS A 217 15.13 16.47 3.97
N GLY A 218 15.53 16.55 2.69
CA GLY A 218 14.80 17.34 1.72
C GLY A 218 14.01 16.44 0.77
N SER A 219 12.95 16.99 0.19
CA SER A 219 12.14 16.26 -0.78
C SER A 219 11.37 17.25 -1.63
N ARG A 220 10.87 16.76 -2.77
CA ARG A 220 10.09 17.59 -3.67
C ARG A 220 8.81 18.02 -3.03
N MET A 221 8.27 19.15 -3.48
CA MET A 221 7.10 19.75 -2.84
C MET A 221 5.89 18.85 -2.96
N SER A 222 5.87 18.01 -3.98
CA SER A 222 4.78 17.04 -4.19
C SER A 222 4.72 15.97 -3.08
N ASN A 223 5.77 15.81 -2.30
CA ASN A 223 5.91 14.62 -1.51
C ASN A 223 5.54 14.80 -0.01
N TRP A 224 5.25 16.02 0.43
CA TRP A 224 5.15 16.29 1.89
C TRP A 224 3.83 15.73 2.48
N VAL A 225 2.76 15.70 1.72
CA VAL A 225 1.52 15.10 2.23
C VAL A 225 1.83 13.64 2.58
N GLY A 226 2.54 12.95 1.69
CA GLY A 226 2.89 11.55 1.93
C GLY A 226 3.85 11.37 3.10
N ILE A 227 4.89 12.18 3.16
CA ILE A 227 5.86 12.12 4.24
C ILE A 227 5.25 12.41 5.63
N LEU A 228 4.42 13.44 5.71
CA LEU A 228 3.81 13.80 6.97
C LEU A 228 2.72 12.78 7.40
N SER A 229 1.95 12.27 6.45
CA SER A 229 0.94 11.28 6.78
C SER A 229 1.49 9.86 7.04
N HIS A 230 2.54 9.46 6.31
CA HIS A 230 3.09 8.12 6.46
C HIS A 230 4.43 8.04 7.14
N GLY A 231 5.06 9.18 7.38
CA GLY A 231 6.46 9.19 7.85
C GLY A 231 7.43 8.94 6.70
N LEU A 232 8.71 9.11 6.96
CA LEU A 232 9.75 8.76 6.04
C LEU A 232 9.76 7.25 5.91
N ARG A 233 9.87 6.75 4.69
CA ARG A 233 9.80 5.33 4.40
C ARG A 233 11.01 4.81 3.68
N ILE A 234 11.31 3.53 3.89
CA ILE A 234 12.36 2.90 3.07
C ILE A 234 11.84 2.70 1.64
N ALA A 235 12.75 2.48 0.70
CA ALA A 235 12.34 2.37 -0.71
C ALA A 235 11.38 1.20 -0.94
N HIS A 236 10.59 1.32 -2.01
CA HIS A 236 9.72 0.23 -2.45
C HIS A 236 10.52 -1.06 -2.65
N PRO A 237 10.00 -2.19 -2.19
CA PRO A 237 10.67 -3.47 -2.36
C PRO A 237 10.94 -3.92 -3.80
N GLU A 238 10.15 -3.46 -4.76
CA GLU A 238 10.37 -3.76 -6.19
C GLU A 238 11.30 -2.74 -6.90
N ALA A 239 11.72 -1.70 -6.20
CA ALA A 239 12.64 -0.71 -6.76
C ALA A 239 13.99 -1.40 -7.01
N PRO A 240 14.66 -1.06 -8.13
CA PRO A 240 16.05 -1.44 -8.35
C PRO A 240 16.97 -0.95 -7.21
N ILE A 241 17.79 -1.85 -6.68
CA ILE A 241 18.64 -1.56 -5.56
C ILE A 241 19.71 -0.59 -5.97
N THR A 242 20.09 -0.64 -7.25
CA THR A 242 21.15 0.21 -7.73
C THR A 242 20.68 1.66 -7.82
N GLY A 243 19.40 1.93 -7.62
CA GLY A 243 18.95 3.31 -7.39
C GLY A 243 19.37 3.93 -6.05
N TYR A 244 19.97 3.15 -5.17
CA TYR A 244 20.13 3.56 -3.77
C TYR A 244 21.59 3.34 -3.37
N MET A 245 22.33 4.45 -3.25
CA MET A 245 23.77 4.42 -3.08
C MET A 245 24.25 3.52 -1.92
N PHE A 246 23.50 3.48 -0.83
CA PHE A 246 23.78 2.64 0.34
C PHE A 246 22.61 1.76 0.75
N GLY A 247 21.82 1.33 -0.23
CA GLY A 247 20.70 0.44 0.02
C GLY A 247 19.37 1.11 0.32
N LYS A 248 18.37 0.29 0.61
CA LYS A 248 17.02 0.75 0.82
C LYS A 248 16.79 1.14 2.29
N GLY A 249 17.33 2.32 2.63
CA GLY A 249 17.11 2.93 3.95
C GLY A 249 16.51 4.32 3.80
N ILE A 250 16.47 5.06 4.89
CA ILE A 250 16.03 6.45 4.91
C ILE A 250 17.31 7.28 5.00
N TYR A 251 17.46 8.26 4.10
CA TYR A 251 18.71 9.02 3.91
C TYR A 251 18.63 10.39 4.57
N PHE A 252 19.73 10.81 5.17
CA PHE A 252 19.82 12.09 5.90
C PHE A 252 21.15 12.76 5.63
N ALA A 253 21.18 14.10 5.74
CA ALA A 253 22.45 14.82 5.65
C ALA A 253 22.72 15.64 6.91
N ASP A 254 23.98 16.00 7.12
CA ASP A 254 24.35 16.95 8.17
C ASP A 254 24.66 18.34 7.60
N MET A 255 24.60 18.47 6.28
CA MET A 255 24.70 19.75 5.60
C MET A 255 23.34 20.09 5.00
N SER A 256 22.78 21.19 5.46
CA SER A 256 21.46 21.62 5.09
C SER A 256 21.26 21.69 3.56
N SER A 257 22.26 22.14 2.82
CA SER A 257 22.12 22.32 1.38
C SER A 257 22.21 20.97 0.63
N LYS A 258 22.93 19.98 1.16
CA LYS A 258 22.87 18.66 0.52
C LYS A 258 21.42 18.14 0.45
N SER A 259 20.70 18.22 1.57
CA SER A 259 19.27 17.88 1.58
C SER A 259 18.37 18.86 0.78
N ALA A 260 18.64 20.16 0.89
CA ALA A 260 17.84 21.17 0.19
C ALA A 260 17.89 21.07 -1.32
N ASN A 261 19.00 20.57 -1.85
CA ASN A 261 19.12 20.26 -3.27
C ASN A 261 18.04 19.28 -3.71
N TYR A 262 17.71 18.35 -2.83
CA TYR A 262 16.65 17.39 -3.10
C TYR A 262 15.25 17.95 -3.01
N CYS A 263 15.12 19.23 -2.65
CA CYS A 263 13.88 19.94 -2.80
C CYS A 263 13.57 20.24 -4.26
N PHE A 264 14.59 20.31 -5.11
CA PHE A 264 14.40 20.70 -6.50
C PHE A 264 13.60 21.97 -6.62
N ALA A 265 13.89 22.92 -5.74
CA ALA A 265 13.32 24.25 -5.85
C ALA A 265 13.97 24.95 -7.07
N SER A 266 13.40 26.06 -7.47
CA SER A 266 13.95 26.79 -8.65
C SER A 266 13.55 28.24 -8.59
N ARG A 267 14.14 29.07 -9.47
CA ARG A 267 13.78 30.49 -9.49
C ARG A 267 12.28 30.68 -9.68
N LEU A 268 11.66 29.76 -10.43
CA LEU A 268 10.22 29.81 -10.68
C LEU A 268 9.39 29.39 -9.44
N LYS A 269 9.85 28.37 -8.75
CA LYS A 269 9.13 27.82 -7.62
C LYS A 269 10.14 27.81 -6.48
N ASN A 270 10.28 28.95 -5.81
CA ASN A 270 11.41 29.09 -4.88
C ASN A 270 11.06 28.84 -3.41
N THR A 271 9.88 28.30 -3.13
CA THR A 271 9.53 27.92 -1.76
C THR A 271 9.55 26.42 -1.66
N GLY A 272 10.34 25.89 -0.75
CA GLY A 272 10.39 24.47 -0.47
C GLY A 272 10.34 24.20 1.03
N LEU A 273 10.36 22.93 1.40
CA LEU A 273 10.39 22.54 2.82
C LEU A 273 11.54 21.64 3.11
N LEU A 274 12.00 21.73 4.35
CA LEU A 274 13.08 20.90 4.80
C LEU A 274 12.69 20.37 6.16
N LEU A 275 13.04 19.11 6.37
CA LEU A 275 12.64 18.38 7.57
C LEU A 275 13.88 18.13 8.40
N LEU A 276 13.74 18.40 9.69
CA LEU A 276 14.69 17.93 10.66
C LEU A 276 14.07 16.76 11.46
N SER A 277 14.85 15.71 11.67
CA SER A 277 14.46 14.53 12.45
C SER A 277 15.55 14.12 13.40
N GLU A 278 15.15 13.57 14.53
CA GLU A 278 16.05 12.84 15.41
C GLU A 278 16.29 11.46 14.81
N VAL A 279 17.56 11.14 14.59
CA VAL A 279 17.97 9.89 13.96
C VAL A 279 18.83 9.13 14.96
N ALA A 280 18.36 7.94 15.31
CA ALA A 280 19.08 7.05 16.22
C ALA A 280 20.11 6.23 15.48
N LEU A 281 21.32 6.76 15.37
CA LEU A 281 22.30 6.21 14.48
C LEU A 281 22.95 4.97 15.09
N GLY A 282 23.06 4.98 16.42
CA GLY A 282 23.85 4.00 17.15
C GLY A 282 25.23 3.92 16.52
N GLN A 283 25.72 2.70 16.37
CA GLN A 283 27.02 2.48 15.76
C GLN A 283 26.85 2.54 14.26
N CYS A 284 27.71 3.30 13.57
CA CYS A 284 27.61 3.47 12.13
C CYS A 284 28.63 2.58 11.48
N ASN A 285 28.23 1.91 10.41
CA ASN A 285 29.18 1.28 9.52
C ASN A 285 29.64 2.34 8.55
N GLU A 286 30.91 2.71 8.62
CA GLU A 286 31.45 3.84 7.86
C GLU A 286 31.98 3.38 6.52
N LEU A 287 31.49 3.98 5.43
CA LEU A 287 31.90 3.60 4.07
C LEU A 287 32.39 4.80 3.26
N LEU A 288 33.36 4.55 2.39
CA LEU A 288 34.00 5.62 1.61
C LEU A 288 33.42 5.80 0.19
N GLU A 289 32.57 4.88 -0.25
CA GLU A 289 32.10 4.91 -1.65
C GLU A 289 30.88 4.05 -1.73
N ALA A 290 30.13 4.26 -2.79
CA ALA A 290 28.83 3.63 -2.95
C ALA A 290 28.88 2.11 -2.87
N ASN A 291 27.85 1.56 -2.23
CA ASN A 291 27.61 0.12 -2.21
C ASN A 291 26.14 -0.13 -1.92
N PRO A 292 25.36 -0.35 -2.96
CA PRO A 292 23.93 -0.59 -2.81
C PRO A 292 23.57 -1.76 -1.91
N LYS A 293 24.53 -2.67 -1.68
CA LYS A 293 24.31 -3.80 -0.75
C LYS A 293 24.74 -3.51 0.70
N ALA A 294 25.02 -2.24 0.99
CA ALA A 294 25.44 -1.78 2.34
C ALA A 294 24.63 -2.33 3.50
N GLU A 295 23.33 -2.49 3.35
CA GLU A 295 22.51 -2.97 4.43
C GLU A 295 22.98 -4.31 4.97
N GLY A 296 23.41 -5.18 4.08
CA GLY A 296 23.88 -6.51 4.48
C GLY A 296 25.21 -6.53 5.18
N LEU A 297 25.95 -5.41 5.08
CA LEU A 297 27.23 -5.23 5.75
C LEU A 297 27.11 -4.72 7.19
N LEU A 298 25.90 -4.39 7.65
CA LEU A 298 25.75 -3.83 9.01
C LEU A 298 26.31 -4.75 10.09
N GLN A 299 25.89 -6.03 10.02
CA GLN A 299 26.32 -7.07 10.94
C GLN A 299 26.33 -6.56 12.38
N GLY A 300 25.16 -6.15 12.84
CA GLY A 300 24.97 -5.74 14.22
C GLY A 300 24.99 -4.24 14.46
N LYS A 301 25.71 -3.49 13.62
CA LYS A 301 25.66 -2.02 13.64
C LYS A 301 24.28 -1.54 13.19
N HIS A 302 24.02 -0.25 13.37
CA HIS A 302 22.66 0.26 13.32
C HIS A 302 22.41 1.22 12.17
N SER A 303 23.48 1.72 11.56
CA SER A 303 23.34 2.66 10.46
C SER A 303 24.54 2.63 9.55
N THR A 304 24.40 3.25 8.38
CA THR A 304 25.49 3.36 7.43
C THR A 304 25.87 4.84 7.36
N LYS A 305 27.16 5.17 7.46
CA LYS A 305 27.61 6.51 7.19
C LYS A 305 28.51 6.54 5.96
N GLY A 306 28.06 7.26 4.94
CA GLY A 306 28.85 7.54 3.77
C GLY A 306 29.72 8.70 4.18
N LEU A 307 31.04 8.52 4.09
CA LEU A 307 31.98 9.50 4.63
C LEU A 307 32.32 10.55 3.59
N GLY A 308 32.16 11.82 3.96
CA GLY A 308 32.45 12.93 3.05
C GLY A 308 33.78 13.63 3.37
N LYS A 309 34.31 14.33 2.37
CA LYS A 309 35.56 15.10 2.51
C LYS A 309 35.44 16.24 3.49
N MET A 310 34.24 16.83 3.60
CA MET A 310 33.97 18.02 4.42
C MET A 310 32.78 17.73 5.29
N ALA A 311 32.92 18.03 6.58
CA ALA A 311 31.83 17.88 7.52
C ALA A 311 31.96 18.83 8.71
N PRO A 312 30.83 19.10 9.40
CA PRO A 312 30.89 19.83 10.67
C PRO A 312 31.77 19.09 11.64
N SER A 313 32.45 19.79 12.55
CA SER A 313 33.35 19.11 13.50
C SER A 313 32.81 19.30 14.89
N SER A 314 33.01 18.28 15.73
CA SER A 314 32.35 18.17 17.02
C SER A 314 32.61 19.32 17.99
N ALA A 315 33.74 20.01 17.82
CA ALA A 315 34.08 21.19 18.65
C ALA A 315 32.99 22.29 18.61
N HIS A 316 32.25 22.37 17.50
CA HIS A 316 31.16 23.34 17.37
C HIS A 316 29.76 22.79 17.66
N PHE A 317 29.62 21.52 18.02
CA PHE A 317 28.27 20.95 18.20
C PHE A 317 27.57 21.50 19.41
N VAL A 318 26.24 21.50 19.35
CA VAL A 318 25.38 21.76 20.49
C VAL A 318 24.37 20.62 20.54
N THR A 319 23.54 20.56 21.58
CA THR A 319 22.51 19.56 21.57
C THR A 319 21.17 20.23 21.76
N LEU A 320 20.14 19.61 21.22
CA LEU A 320 18.77 20.10 21.37
C LEU A 320 17.87 18.93 21.82
N ASN A 321 17.42 18.99 23.08
CA ASN A 321 16.55 17.95 23.68
C ASN A 321 17.08 16.55 23.53
N GLY A 322 18.37 16.38 23.69
CA GLY A 322 18.96 15.05 23.67
C GLY A 322 19.56 14.65 22.35
N SER A 323 19.34 15.44 21.29
CA SER A 323 19.99 15.18 19.99
C SER A 323 21.15 16.12 19.69
N THR A 324 22.24 15.56 19.21
CA THR A 324 23.41 16.31 18.78
C THR A 324 23.08 17.08 17.49
N VAL A 325 23.30 18.40 17.54
CA VAL A 325 23.09 19.28 16.41
C VAL A 325 24.45 19.63 15.87
N PRO A 326 24.76 19.19 14.66
CA PRO A 326 26.11 19.36 14.14
C PRO A 326 26.34 20.69 13.41
N LEU A 327 26.43 21.77 14.19
CA LEU A 327 26.61 23.10 13.62
C LEU A 327 27.93 23.16 12.86
N GLY A 328 27.90 23.92 11.77
CA GLY A 328 29.07 24.19 10.95
C GLY A 328 29.89 25.36 11.50
N PRO A 329 30.83 25.86 10.72
CA PRO A 329 31.12 25.47 9.34
C PRO A 329 31.69 24.06 9.18
N ALA A 330 31.65 23.56 7.95
CA ALA A 330 32.29 22.29 7.65
C ALA A 330 33.78 22.51 7.47
N SER A 331 34.58 21.49 7.77
CA SER A 331 36.01 21.52 7.53
C SER A 331 36.45 20.14 7.05
N ASP A 332 37.72 20.02 6.63
CA ASP A 332 38.22 18.77 6.07
C ASP A 332 38.16 17.67 7.09
N THR A 333 37.74 16.50 6.64
CA THR A 333 37.62 15.38 7.54
C THR A 333 38.93 14.58 7.56
N GLY A 334 39.81 14.85 6.60
CA GLY A 334 41.02 14.03 6.42
C GLY A 334 40.74 12.69 5.77
N ILE A 335 39.58 12.58 5.10
CA ILE A 335 39.14 11.35 4.45
C ILE A 335 39.33 11.46 2.93
N LEU A 336 40.18 10.58 2.39
CA LEU A 336 40.31 10.38 0.94
C LEU A 336 40.20 8.88 0.65
N ASN A 337 39.54 8.56 -0.44
CA ASN A 337 39.50 7.21 -0.98
C ASN A 337 40.70 7.11 -1.94
N PRO A 338 41.57 6.09 -1.76
CA PRO A 338 42.66 5.79 -2.71
C PRO A 338 42.26 4.70 -3.72
N ASP A 339 41.22 4.98 -4.49
CA ASP A 339 40.65 4.03 -5.45
C ASP A 339 39.86 4.82 -6.50
N GLY A 340 39.04 5.76 -6.02
CA GLY A 340 38.41 6.73 -6.89
C GLY A 340 37.67 7.77 -6.09
N TYR A 341 36.40 7.96 -6.45
CA TYR A 341 35.52 9.02 -5.94
C TYR A 341 35.27 9.02 -4.42
N THR A 342 35.28 10.22 -3.86
CA THR A 342 34.95 10.47 -2.45
C THR A 342 33.74 11.41 -2.41
N LEU A 343 32.77 11.10 -1.54
CA LEU A 343 31.65 12.00 -1.33
C LEU A 343 32.16 13.37 -0.87
N ASN A 344 31.54 14.41 -1.40
CA ASN A 344 31.77 15.75 -0.89
C ASN A 344 31.38 15.88 0.57
N TYR A 345 30.20 15.34 0.93
CA TYR A 345 29.65 15.51 2.26
C TYR A 345 29.07 14.19 2.76
N ASN A 346 28.90 14.09 4.08
CA ASN A 346 28.44 12.87 4.72
C ASN A 346 27.00 12.55 4.28
N GLU A 347 26.59 11.31 4.44
CA GLU A 347 25.16 11.04 4.48
C GLU A 347 24.94 9.86 5.38
N TYR A 348 23.78 9.82 6.00
CA TYR A 348 23.51 8.81 7.01
C TYR A 348 22.30 8.03 6.59
N ILE A 349 22.35 6.71 6.78
CA ILE A 349 21.24 5.85 6.40
C ILE A 349 20.77 4.91 7.51
N VAL A 350 19.49 4.96 7.84
CA VAL A 350 18.90 3.99 8.72
C VAL A 350 17.92 3.13 7.97
N TYR A 351 17.77 1.88 8.41
CA TYR A 351 16.96 0.91 7.64
C TYR A 351 15.68 0.47 8.34
N ASN A 352 15.35 1.12 9.45
CA ASN A 352 14.08 0.94 10.11
C ASN A 352 13.53 2.31 10.47
N PRO A 353 12.26 2.59 10.15
CA PRO A 353 11.66 3.87 10.50
C PRO A 353 11.65 4.18 11.98
N ASN A 354 11.82 3.18 12.84
CA ASN A 354 11.77 3.44 14.27
C ASN A 354 13.09 4.06 14.75
N GLN A 355 14.03 4.26 13.85
CA GLN A 355 15.21 5.03 14.16
C GLN A 355 15.04 6.52 13.76
N VAL A 356 13.79 6.92 13.52
CA VAL A 356 13.45 8.24 13.02
C VAL A 356 12.30 8.81 13.79
N ARG A 357 12.50 10.02 14.29
CA ARG A 357 11.41 10.79 14.83
C ARG A 357 11.44 12.18 14.24
N MET A 358 10.41 12.51 13.45
CA MET A 358 10.35 13.81 12.79
C MET A 358 10.14 14.84 13.91
N ARG A 359 10.81 16.00 13.83
CA ARG A 359 10.72 17.02 14.87
C ARG A 359 10.42 18.44 14.41
N TYR A 360 10.97 18.88 13.26
CA TYR A 360 10.73 20.24 12.76
C TYR A 360 10.56 20.26 11.23
N LEU A 361 9.73 21.16 10.75
CA LEU A 361 9.62 21.39 9.34
C LEU A 361 9.83 22.88 9.08
N LEU A 362 10.79 23.15 8.20
CA LEU A 362 11.18 24.53 7.83
C LEU A 362 10.52 24.87 6.52
N LYS A 363 9.81 25.99 6.48
CA LYS A 363 9.37 26.57 5.21
C LYS A 363 10.50 27.52 4.76
N VAL A 364 11.11 27.18 3.64
CA VAL A 364 12.32 27.83 3.17
C VAL A 364 12.11 28.61 1.89
N GLN A 365 12.61 29.84 1.87
CA GLN A 365 12.71 30.59 0.64
C GLN A 365 14.09 30.45 0.07
N PHE A 366 14.15 30.01 -1.18
CA PHE A 366 15.43 29.79 -1.86
C PHE A 366 15.73 31.05 -2.66
N ASN A 367 16.94 31.58 -2.52
CA ASN A 367 17.28 32.85 -3.17
C ASN A 367 18.26 32.57 -4.29
N PHE A 368 17.77 32.55 -5.52
CA PHE A 368 18.59 32.18 -6.67
C PHE A 368 19.19 33.42 -7.39
N ASP B 12 -47.86 -11.93 -10.41
CA ASP B 12 -47.82 -10.70 -9.56
C ASP B 12 -46.49 -9.95 -9.72
N LEU B 13 -45.48 -10.28 -8.90
CA LEU B 13 -44.22 -9.50 -8.83
C LEU B 13 -43.51 -9.45 -10.18
N GLY B 14 -43.52 -10.58 -10.88
CA GLY B 14 -43.04 -10.65 -12.26
C GLY B 14 -43.74 -9.66 -13.17
N THR B 15 -45.08 -9.57 -13.08
CA THR B 15 -45.84 -8.59 -13.88
C THR B 15 -45.48 -7.15 -13.51
N GLU B 16 -45.54 -6.86 -12.22
CA GLU B 16 -45.29 -5.52 -11.73
C GLU B 16 -43.94 -5.05 -12.20
N ASN B 17 -42.98 -5.97 -12.28
CA ASN B 17 -41.63 -5.64 -12.71
C ASN B 17 -41.53 -5.26 -14.20
N LEU B 18 -42.30 -5.91 -15.05
CA LEU B 18 -42.31 -5.58 -16.47
C LEU B 18 -42.87 -4.19 -16.74
N TYR B 19 -43.87 -3.78 -15.97
CA TYR B 19 -44.54 -2.50 -16.23
C TYR B 19 -43.68 -1.34 -15.82
N PHE B 20 -43.14 -1.38 -14.62
CA PHE B 20 -42.24 -0.35 -14.19
C PHE B 20 -40.85 -0.53 -14.89
N GLN B 21 -40.65 -1.70 -15.54
CA GLN B 21 -39.36 -2.08 -16.16
C GLN B 21 -38.15 -1.88 -15.21
N SER B 22 -38.43 -2.08 -13.93
CA SER B 22 -37.43 -2.14 -12.88
C SER B 22 -36.35 -3.19 -13.20
N MET B 23 -35.14 -2.99 -12.65
CA MET B 23 -34.06 -3.99 -12.63
C MET B 23 -34.61 -5.43 -12.53
N ASP B 24 -33.97 -6.36 -13.21
CA ASP B 24 -34.37 -7.78 -13.14
C ASP B 24 -34.55 -8.21 -11.68
N LEU B 25 -35.62 -8.96 -11.37
CA LEU B 25 -35.90 -9.38 -9.99
C LEU B 25 -34.76 -10.15 -9.27
N ARG B 26 -34.05 -10.98 -10.03
CA ARG B 26 -32.98 -11.79 -9.50
C ARG B 26 -31.81 -10.88 -9.09
N VAL B 27 -31.54 -9.90 -9.91
CA VAL B 27 -30.55 -8.87 -9.58
C VAL B 27 -31.00 -8.09 -8.35
N GLN B 28 -32.28 -7.67 -8.32
CA GLN B 28 -32.82 -7.01 -7.14
C GLN B 28 -32.58 -7.80 -5.86
N GLU B 29 -32.87 -9.12 -5.89
CA GLU B 29 -32.67 -9.97 -4.73
C GLU B 29 -31.20 -10.05 -4.34
N LEU B 30 -30.31 -10.10 -5.35
CA LEU B 30 -28.88 -10.14 -5.13
C LEU B 30 -28.39 -8.86 -4.46
N ILE B 31 -28.83 -7.69 -4.95
CA ILE B 31 -28.42 -6.41 -4.40
C ILE B 31 -28.92 -6.22 -2.96
N LYS B 32 -30.15 -6.62 -2.70
CA LYS B 32 -30.68 -6.53 -1.33
C LYS B 32 -29.86 -7.38 -0.37
N LEU B 33 -29.51 -8.58 -0.82
CA LEU B 33 -28.78 -9.52 0.01
C LEU B 33 -27.38 -8.94 0.40
N ILE B 34 -26.61 -8.52 -0.60
CA ILE B 34 -25.29 -8.04 -0.36
C ILE B 34 -25.26 -6.66 0.31
N CYS B 35 -26.29 -5.83 0.09
CA CYS B 35 -26.29 -4.48 0.68
C CYS B 35 -26.95 -4.44 2.06
N ASN B 36 -27.33 -5.60 2.63
CA ASN B 36 -28.02 -5.69 3.91
C ASN B 36 -27.08 -5.34 5.06
N VAL B 37 -27.21 -4.13 5.58
CA VAL B 37 -26.29 -3.66 6.63
C VAL B 37 -26.57 -4.31 8.01
N GLN B 38 -27.80 -4.71 8.28
CA GLN B 38 -28.12 -5.48 9.48
C GLN B 38 -27.39 -6.84 9.50
N ALA B 39 -27.29 -7.49 8.33
CA ALA B 39 -26.53 -8.73 8.24
C ALA B 39 -25.02 -8.47 8.52
N MET B 40 -24.49 -7.38 8.02
CA MET B 40 -23.12 -7.04 8.31
C MET B 40 -22.90 -6.88 9.84
N GLU B 41 -23.83 -6.20 10.50
CA GLU B 41 -23.75 -5.99 11.97
C GLU B 41 -23.74 -7.32 12.68
N GLU B 42 -24.66 -8.18 12.32
CA GLU B 42 -24.70 -9.51 12.88
C GLU B 42 -23.42 -10.28 12.65
N MET B 43 -22.84 -10.19 11.45
CA MET B 43 -21.65 -10.97 11.12
C MET B 43 -20.47 -10.47 11.97
N MET B 44 -20.42 -9.16 12.16
CA MET B 44 -19.32 -8.59 12.94
C MET B 44 -19.46 -8.95 14.41
N MET B 45 -20.68 -8.90 14.95
CA MET B 45 -20.90 -9.37 16.35
C MET B 45 -20.50 -10.82 16.50
N GLU B 46 -20.79 -11.67 15.52
CA GLU B 46 -20.30 -13.06 15.50
C GLU B 46 -18.79 -13.20 15.56
N MET B 47 -18.06 -12.27 14.94
CA MET B 47 -16.61 -12.27 14.97
C MET B 47 -16.05 -11.53 16.21
N LYS B 48 -16.93 -11.17 17.15
CA LYS B 48 -16.57 -10.59 18.47
C LYS B 48 -16.24 -9.09 18.42
N TYR B 49 -16.55 -8.45 17.30
CA TYR B 49 -16.37 -7.03 17.19
C TYR B 49 -17.52 -6.32 17.93
N ASN B 50 -17.16 -5.30 18.70
CA ASN B 50 -18.14 -4.61 19.55
C ASN B 50 -18.86 -3.50 18.79
N THR B 51 -19.96 -3.86 18.12
CA THR B 51 -20.73 -2.89 17.32
C THR B 51 -21.42 -1.84 18.23
N LYS B 52 -21.73 -2.21 19.47
CA LYS B 52 -22.28 -1.25 20.47
C LYS B 52 -21.28 -0.14 20.72
N LYS B 53 -20.05 -0.48 21.09
CA LYS B 53 -19.03 0.53 21.37
C LYS B 53 -18.51 1.28 20.15
N ALA B 54 -18.41 0.62 18.99
CA ALA B 54 -17.92 1.28 17.77
C ALA B 54 -18.85 0.94 16.61
N PRO B 55 -19.96 1.69 16.48
CA PRO B 55 -20.90 1.36 15.42
C PRO B 55 -20.28 1.43 14.03
N LEU B 56 -20.76 0.53 13.18
CA LEU B 56 -20.23 0.39 11.84
C LEU B 56 -20.42 1.67 11.03
N GLY B 57 -21.46 2.44 11.31
CA GLY B 57 -21.68 3.71 10.61
C GLY B 57 -20.62 4.75 10.90
N LYS B 58 -19.88 4.58 12.00
CA LYS B 58 -18.85 5.56 12.38
C LYS B 58 -17.44 5.04 12.11
N LEU B 59 -17.37 3.85 11.51
CA LEU B 59 -16.14 3.21 11.03
C LEU B 59 -15.45 4.05 9.97
N THR B 60 -14.16 4.30 10.13
CA THR B 60 -13.40 5.05 9.14
C THR B 60 -12.18 4.27 8.65
N VAL B 61 -11.71 4.59 7.46
CA VAL B 61 -10.51 3.98 6.93
C VAL B 61 -9.30 4.20 7.88
N ALA B 62 -9.27 5.35 8.54
CA ALA B 62 -8.20 5.62 9.50
C ALA B 62 -8.30 4.69 10.73
N GLN B 63 -9.49 4.39 11.24
CA GLN B 63 -9.55 3.48 12.38
C GLN B 63 -8.99 2.08 11.97
N ILE B 64 -9.31 1.67 10.76
CA ILE B 64 -8.90 0.36 10.27
C ILE B 64 -7.38 0.31 10.06
N LYS B 65 -6.81 1.36 9.49
CA LYS B 65 -5.37 1.41 9.27
C LYS B 65 -4.63 1.33 10.62
N ALA B 66 -5.15 2.02 11.62
CA ALA B 66 -4.58 2.00 12.95
C ALA B 66 -4.65 0.59 13.54
N GLY B 67 -5.73 -0.12 13.24
CA GLY B 67 -5.88 -1.47 13.69
C GLY B 67 -4.82 -2.37 13.11
N TYR B 68 -4.61 -2.27 11.81
CA TYR B 68 -3.55 -3.03 11.17
C TYR B 68 -2.15 -2.72 11.76
N GLN B 69 -1.89 -1.44 12.01
CA GLN B 69 -0.63 -1.01 12.66
C GLN B 69 -0.40 -1.68 13.98
N SER B 70 -1.46 -1.83 14.77
CA SER B 70 -1.31 -2.50 16.05
C SER B 70 -1.06 -3.98 15.84
N LEU B 71 -1.74 -4.57 14.85
CA LEU B 71 -1.46 -5.96 14.48
C LEU B 71 -0.01 -6.19 14.06
N LYS B 72 0.56 -5.22 13.36
CA LYS B 72 1.96 -5.25 12.95
C LYS B 72 2.84 -5.22 14.21
N LYS B 73 2.42 -4.46 15.23
CA LYS B 73 3.21 -4.41 16.50
C LYS B 73 3.17 -5.74 17.21
N ILE B 74 2.02 -6.40 17.14
CA ILE B 74 1.89 -7.76 17.65
C ILE B 74 2.81 -8.74 16.87
N GLU B 75 2.83 -8.64 15.55
CA GLU B 75 3.71 -9.51 14.75
C GLU B 75 5.19 -9.29 15.15
N ASP B 76 5.58 -8.03 15.33
CA ASP B 76 6.91 -7.62 15.79
C ASP B 76 7.26 -8.31 17.13
N CYS B 77 6.30 -8.35 18.06
CA CYS B 77 6.49 -9.00 19.36
C CYS B 77 6.74 -10.49 19.23
N ILE B 78 5.92 -11.14 18.41
CA ILE B 78 5.97 -12.57 18.23
C ILE B 78 7.31 -12.89 17.60
N ARG B 79 7.69 -12.14 16.57
CA ARG B 79 9.00 -12.33 15.93
C ARG B 79 10.20 -12.24 16.90
N ALA B 80 10.10 -11.35 17.88
CA ALA B 80 11.18 -11.05 18.82
C ALA B 80 11.09 -11.92 20.06
N GLY B 81 10.09 -12.79 20.13
CA GLY B 81 9.94 -13.76 21.20
C GLY B 81 9.41 -13.18 22.51
N GLN B 82 8.58 -12.14 22.42
CA GLN B 82 8.07 -11.46 23.61
C GLN B 82 6.63 -11.89 23.84
N HIS B 83 6.43 -12.90 24.69
CA HIS B 83 5.13 -13.53 24.90
C HIS B 83 4.46 -13.19 26.24
N GLY B 84 5.10 -12.35 27.05
CA GLY B 84 4.58 -12.01 28.38
C GLY B 84 3.88 -10.67 28.34
N ARG B 85 4.27 -9.77 29.26
CA ARG B 85 3.63 -8.45 29.37
C ARG B 85 3.62 -7.65 28.04
N ALA B 86 4.70 -7.65 27.28
CA ALA B 86 4.77 -6.86 26.05
C ALA B 86 3.69 -7.27 25.00
N LEU B 87 3.49 -8.57 24.82
CA LEU B 87 2.40 -9.13 24.00
C LEU B 87 0.99 -8.82 24.59
N MET B 88 0.79 -9.02 25.90
CA MET B 88 -0.48 -8.62 26.58
C MET B 88 -0.79 -7.14 26.27
N GLU B 89 0.25 -6.30 26.23
CA GLU B 89 0.03 -4.85 26.09
C GLU B 89 -0.24 -4.57 24.67
N ALA B 90 0.44 -5.26 23.76
CA ALA B 90 0.18 -5.08 22.34
C ALA B 90 -1.23 -5.54 21.97
N CYS B 91 -1.66 -6.69 22.48
CA CYS B 91 -3.01 -7.15 22.21
C CYS B 91 -4.04 -6.14 22.72
N ASN B 92 -3.83 -5.63 23.91
CA ASN B 92 -4.82 -4.73 24.48
C ASN B 92 -4.90 -3.36 23.78
N GLU B 93 -3.81 -2.85 23.25
CA GLU B 93 -3.93 -1.63 22.40
C GLU B 93 -4.68 -1.89 21.06
N PHE B 94 -4.47 -3.05 20.45
CA PHE B 94 -5.27 -3.40 19.26
C PHE B 94 -6.77 -3.36 19.64
N TYR B 95 -7.07 -3.92 20.79
CA TYR B 95 -8.46 -4.07 21.25
C TYR B 95 -9.11 -2.72 21.58
N THR B 96 -8.30 -1.73 21.93
CA THR B 96 -8.73 -0.36 22.13
C THR B 96 -9.07 0.30 20.78
N ARG B 97 -8.24 0.07 19.78
CA ARG B 97 -8.46 0.62 18.47
C ARG B 97 -9.58 -0.10 17.72
N ILE B 98 -9.72 -1.40 17.93
CA ILE B 98 -10.74 -2.20 17.27
C ILE B 98 -11.48 -2.93 18.36
N PRO B 99 -12.49 -2.25 18.98
CA PRO B 99 -13.19 -2.79 20.15
C PRO B 99 -13.82 -4.13 19.92
N HIS B 100 -13.59 -5.02 20.87
CA HIS B 100 -14.13 -6.37 20.88
C HIS B 100 -15.06 -6.54 22.09
N ASP B 101 -15.94 -7.55 22.04
CA ASP B 101 -16.81 -7.87 23.13
C ASP B 101 -16.48 -9.26 23.59
N PHE B 102 -15.64 -9.35 24.62
CA PHE B 102 -15.30 -10.64 25.25
C PHE B 102 -16.10 -10.91 26.53
N GLY B 103 -17.11 -10.09 26.79
CA GLY B 103 -17.94 -10.18 27.96
C GLY B 103 -17.09 -10.00 29.21
N LEU B 104 -17.10 -11.00 30.09
CA LEU B 104 -16.38 -10.89 31.36
C LEU B 104 -15.04 -11.60 31.34
N ARG B 105 -14.70 -12.22 30.22
CA ARG B 105 -13.50 -13.02 30.05
C ARG B 105 -12.26 -12.12 29.87
N THR B 106 -11.11 -12.58 30.35
CA THR B 106 -9.83 -11.88 30.04
C THR B 106 -9.63 -11.78 28.49
N PRO B 107 -9.41 -10.56 27.97
CA PRO B 107 -9.13 -10.47 26.52
C PRO B 107 -7.94 -11.38 26.09
N PRO B 108 -8.17 -12.29 25.14
CA PRO B 108 -7.17 -13.32 24.84
C PRO B 108 -6.02 -12.76 24.07
N LEU B 109 -4.84 -13.31 24.31
CA LEU B 109 -3.64 -12.79 23.65
C LEU B 109 -3.65 -13.27 22.22
N ILE B 110 -2.96 -12.55 21.35
CA ILE B 110 -2.85 -12.93 19.96
C ILE B 110 -1.40 -13.41 19.80
N ARG B 111 -1.21 -14.70 19.53
CA ARG B 111 0.15 -15.20 19.44
C ARG B 111 0.44 -16.22 18.35
N THR B 112 -0.55 -16.90 17.78
CA THR B 112 -0.29 -17.85 16.68
C THR B 112 -0.61 -17.20 15.33
N GLN B 113 -0.03 -17.77 14.26
CA GLN B 113 -0.31 -17.29 12.92
C GLN B 113 -1.82 -17.31 12.70
N LYS B 114 -2.46 -18.37 13.19
CA LYS B 114 -3.90 -18.51 13.11
C LYS B 114 -4.64 -17.32 13.75
N GLU B 115 -4.22 -16.94 14.94
CA GLU B 115 -4.92 -15.93 15.69
C GLU B 115 -4.70 -14.54 15.07
N LEU B 116 -3.50 -14.34 14.55
CA LEU B 116 -3.17 -13.12 13.91
C LEU B 116 -3.98 -13.02 12.61
N SER B 117 -4.04 -14.12 11.86
CA SER B 117 -4.86 -14.21 10.67
C SER B 117 -6.34 -13.92 10.89
N GLU B 118 -6.89 -14.41 12.00
CA GLU B 118 -8.30 -14.18 12.37
C GLU B 118 -8.62 -12.66 12.53
N LYS B 119 -7.72 -11.97 13.19
CA LYS B 119 -7.82 -10.52 13.32
C LYS B 119 -7.69 -9.78 11.98
N ILE B 120 -6.78 -10.25 11.15
CA ILE B 120 -6.62 -9.67 9.81
C ILE B 120 -7.91 -9.83 9.02
N GLN B 121 -8.52 -11.00 9.12
CA GLN B 121 -9.78 -11.23 8.41
C GLN B 121 -10.93 -10.37 8.97
N LEU B 122 -10.87 -10.10 10.27
CA LEU B 122 -11.82 -9.20 10.87
C LEU B 122 -11.66 -7.79 10.18
N LEU B 123 -10.43 -7.32 10.11
CA LEU B 123 -10.16 -5.98 9.54
C LEU B 123 -10.45 -5.95 8.04
N GLU B 124 -10.18 -7.03 7.31
CA GLU B 124 -10.60 -7.10 5.91
C GLU B 124 -12.12 -6.94 5.74
N ALA B 125 -12.93 -7.57 6.58
CA ALA B 125 -14.38 -7.41 6.51
C ALA B 125 -14.81 -5.96 6.86
N LEU B 126 -14.22 -5.44 7.93
CA LEU B 126 -14.48 -4.07 8.32
C LEU B 126 -14.14 -3.11 7.18
N GLY B 127 -13.07 -3.38 6.45
CA GLY B 127 -12.70 -2.56 5.29
C GLY B 127 -13.81 -2.55 4.24
N ASP B 128 -14.37 -3.72 3.97
CA ASP B 128 -15.45 -3.85 3.00
C ASP B 128 -16.79 -3.33 3.49
N ILE B 129 -17.00 -3.35 4.80
CA ILE B 129 -18.22 -2.84 5.36
C ILE B 129 -18.14 -1.30 5.28
N GLU B 130 -16.97 -0.73 5.57
CA GLU B 130 -16.79 0.74 5.42
C GLU B 130 -17.15 1.21 4.01
N ILE B 131 -16.64 0.51 3.00
CA ILE B 131 -17.04 0.71 1.59
C ILE B 131 -18.54 0.56 1.36
N ALA B 132 -19.12 -0.55 1.82
CA ALA B 132 -20.55 -0.75 1.66
C ALA B 132 -21.41 0.34 2.30
N ILE B 133 -21.11 0.73 3.52
CA ILE B 133 -21.94 1.74 4.19
C ILE B 133 -21.92 3.06 3.40
N LYS B 134 -20.79 3.44 2.82
CA LYS B 134 -20.78 4.66 1.99
C LYS B 134 -21.57 4.45 0.71
N LEU B 135 -21.39 3.28 0.10
CA LEU B 135 -22.00 2.97 -1.16
C LEU B 135 -23.54 2.91 -1.07
N VAL B 136 -24.07 2.40 0.03
CA VAL B 136 -25.52 2.23 0.12
C VAL B 136 -26.29 3.50 0.52
N LYS B 137 -25.59 4.61 0.74
CA LYS B 137 -26.25 5.88 1.04
C LYS B 137 -27.07 6.29 -0.20
N THR B 138 -28.30 6.68 0.04
CA THR B 138 -29.20 7.03 -1.02
C THR B 138 -29.50 8.51 -0.95
N GLU B 139 -29.94 9.07 -2.06
CA GLU B 139 -30.48 10.42 -2.11
C GLU B 139 -31.97 10.24 -1.86
N LEU B 140 -32.45 10.70 -0.73
CA LEU B 140 -33.88 10.48 -0.40
C LEU B 140 -34.87 10.99 -1.49
N GLN B 141 -34.54 12.10 -2.15
CA GLN B 141 -35.48 12.70 -3.10
C GLN B 141 -35.22 12.27 -4.52
N SER B 142 -34.32 11.33 -4.74
CA SER B 142 -34.10 10.84 -6.08
C SER B 142 -35.32 10.06 -6.57
N PRO B 143 -35.59 10.15 -7.86
CA PRO B 143 -36.67 9.29 -8.40
C PRO B 143 -36.21 7.82 -8.58
N GLU B 144 -34.89 7.56 -8.49
CA GLU B 144 -34.35 6.18 -8.70
C GLU B 144 -34.60 5.30 -7.49
N HIS B 145 -35.06 4.07 -7.70
CA HIS B 145 -35.22 3.09 -6.63
C HIS B 145 -33.85 2.93 -5.89
N PRO B 146 -33.88 2.77 -4.57
CA PRO B 146 -32.60 2.57 -3.83
C PRO B 146 -31.73 1.45 -4.35
N LEU B 147 -32.33 0.36 -4.76
CA LEU B 147 -31.54 -0.74 -5.32
C LEU B 147 -30.84 -0.37 -6.62
N ASP B 148 -31.47 0.47 -7.46
CA ASP B 148 -30.82 0.99 -8.67
C ASP B 148 -29.65 1.88 -8.31
N GLN B 149 -29.83 2.68 -7.27
CA GLN B 149 -28.75 3.55 -6.86
C GLN B 149 -27.55 2.70 -6.36
N HIS B 150 -27.82 1.67 -5.56
CA HIS B 150 -26.71 0.80 -5.08
C HIS B 150 -26.01 0.14 -6.26
N TYR B 151 -26.78 -0.49 -7.17
CA TYR B 151 -26.25 -1.17 -8.35
C TYR B 151 -25.36 -0.28 -9.19
N ARG B 152 -25.85 0.91 -9.53
CA ARG B 152 -24.99 1.86 -10.28
C ARG B 152 -23.69 2.15 -9.57
N ASN B 153 -23.75 2.37 -8.27
CA ASN B 153 -22.53 2.64 -7.50
C ASN B 153 -21.53 1.48 -7.49
N LEU B 154 -21.97 0.27 -7.80
CA LEU B 154 -20.97 -0.79 -7.98
C LEU B 154 -20.07 -0.60 -9.20
N HIS B 155 -20.53 0.08 -10.25
CA HIS B 155 -19.78 0.15 -11.52
C HIS B 155 -19.40 -1.25 -11.97
N CYS B 156 -20.39 -2.14 -11.94
CA CYS B 156 -20.12 -3.58 -12.24
C CYS B 156 -21.42 -4.19 -12.72
N ALA B 157 -21.45 -4.63 -13.97
CA ALA B 157 -22.65 -5.22 -14.50
C ALA B 157 -22.83 -6.62 -13.92
N LEU B 158 -24.07 -6.97 -13.59
CA LEU B 158 -24.44 -8.29 -13.10
C LEU B 158 -25.69 -8.75 -13.91
N ARG B 159 -25.53 -9.78 -14.71
CA ARG B 159 -26.58 -10.22 -15.64
C ARG B 159 -26.97 -11.67 -15.34
N PRO B 160 -28.24 -11.90 -15.01
CA PRO B 160 -28.66 -13.27 -14.65
C PRO B 160 -28.54 -14.22 -15.84
N LEU B 161 -28.05 -15.42 -15.64
CA LEU B 161 -27.95 -16.38 -16.75
C LEU B 161 -29.06 -17.43 -16.72
N ASP B 162 -29.35 -17.99 -17.88
CA ASP B 162 -30.43 -18.97 -18.03
C ASP B 162 -29.94 -20.27 -17.46
N HIS B 163 -30.73 -20.89 -16.61
CA HIS B 163 -30.38 -22.14 -15.99
C HIS B 163 -30.30 -23.34 -16.97
N GLU B 164 -30.85 -23.19 -18.18
CA GLU B 164 -30.71 -24.19 -19.26
C GLU B 164 -29.59 -23.90 -20.22
N SER B 165 -28.68 -22.97 -19.88
CA SER B 165 -27.61 -22.63 -20.77
C SER B 165 -26.48 -23.58 -20.53
N TYR B 166 -25.65 -23.72 -21.54
CA TYR B 166 -24.38 -24.44 -21.42
C TYR B 166 -23.50 -23.86 -20.33
N GLU B 167 -23.36 -22.54 -20.30
CA GLU B 167 -22.58 -21.91 -19.22
C GLU B 167 -23.02 -22.36 -17.83
N PHE B 168 -24.33 -22.36 -17.58
CA PHE B 168 -24.83 -22.78 -16.27
C PHE B 168 -24.46 -24.25 -16.04
N LYS B 169 -24.61 -25.10 -17.06
CA LYS B 169 -24.23 -26.52 -16.87
C LYS B 169 -22.75 -26.75 -16.52
N VAL B 170 -21.85 -26.18 -17.29
CA VAL B 170 -20.41 -26.33 -17.04
C VAL B 170 -20.03 -25.76 -15.67
N ILE B 171 -20.57 -24.60 -15.34
CA ILE B 171 -20.30 -23.98 -14.01
C ILE B 171 -20.88 -24.87 -12.91
N SER B 172 -22.06 -25.45 -13.11
CA SER B 172 -22.58 -26.43 -12.13
C SER B 172 -21.71 -27.66 -12.01
N GLN B 173 -21.22 -28.20 -13.12
CA GLN B 173 -20.26 -29.31 -13.03
C GLN B 173 -18.95 -28.94 -12.39
N TYR B 174 -18.48 -27.72 -12.65
CA TYR B 174 -17.24 -27.26 -12.01
C TYR B 174 -17.46 -27.17 -10.49
N LEU B 175 -18.60 -26.63 -10.05
CA LEU B 175 -18.94 -26.53 -8.64
C LEU B 175 -18.96 -27.88 -7.93
N GLN B 176 -19.69 -28.82 -8.53
CA GLN B 176 -19.87 -30.17 -7.89
C GLN B 176 -18.65 -31.04 -8.00
N SER B 177 -18.04 -31.08 -9.19
CA SER B 177 -16.89 -31.97 -9.45
C SER B 177 -15.61 -31.59 -8.69
N THR B 178 -15.44 -30.31 -8.28
CA THR B 178 -14.28 -29.90 -7.47
C THR B 178 -14.66 -29.62 -6.02
N HIS B 179 -15.79 -30.16 -5.56
CA HIS B 179 -16.06 -30.17 -4.14
C HIS B 179 -15.13 -31.21 -3.52
N ALA B 180 -14.27 -30.79 -2.58
CA ALA B 180 -13.20 -31.67 -2.08
C ALA B 180 -13.74 -32.73 -1.13
N PRO B 181 -13.09 -33.90 -1.08
CA PRO B 181 -13.56 -34.99 -0.22
C PRO B 181 -13.32 -34.68 1.25
N THR B 182 -12.36 -33.83 1.56
CA THR B 182 -12.15 -33.48 2.96
C THR B 182 -13.09 -32.38 3.45
N HIS B 183 -13.91 -31.79 2.58
CA HIS B 183 -14.83 -30.72 2.99
C HIS B 183 -16.24 -31.25 2.98
N SER B 184 -16.48 -32.35 3.71
CA SER B 184 -17.68 -33.15 3.57
C SER B 184 -18.81 -32.75 4.56
N ASP B 185 -18.57 -31.66 5.31
CA ASP B 185 -19.55 -31.12 6.23
C ASP B 185 -20.72 -30.42 5.56
N TYR B 186 -20.67 -30.21 4.24
CA TYR B 186 -21.81 -29.67 3.52
C TYR B 186 -21.75 -30.10 2.08
N THR B 187 -22.89 -30.04 1.42
CA THR B 187 -22.94 -30.01 -0.03
C THR B 187 -23.37 -28.60 -0.43
N MET B 188 -23.23 -28.32 -1.72
CA MET B 188 -23.65 -27.03 -2.28
C MET B 188 -24.72 -27.23 -3.36
N THR B 189 -25.74 -26.37 -3.36
CA THR B 189 -26.77 -26.29 -4.40
C THR B 189 -26.67 -24.90 -5.04
N LEU B 190 -26.49 -24.86 -6.36
CA LEU B 190 -26.47 -23.60 -7.10
C LEU B 190 -27.87 -23.04 -7.26
N LEU B 191 -28.18 -21.95 -6.56
CA LEU B 191 -29.48 -21.30 -6.66
C LEU B 191 -29.57 -20.35 -7.85
N ASP B 192 -28.50 -19.60 -8.15
CA ASP B 192 -28.58 -18.70 -9.29
C ASP B 192 -27.17 -18.31 -9.71
N LEU B 193 -27.08 -17.77 -10.91
CA LEU B 193 -25.81 -17.51 -11.56
C LEU B 193 -25.86 -16.23 -12.36
N PHE B 194 -24.84 -15.40 -12.15
CA PHE B 194 -24.77 -14.06 -12.77
C PHE B 194 -23.45 -13.89 -13.51
N GLU B 195 -23.49 -13.32 -14.71
CA GLU B 195 -22.31 -12.85 -15.39
C GLU B 195 -21.85 -11.53 -14.74
N VAL B 196 -20.53 -11.40 -14.55
CA VAL B 196 -19.94 -10.20 -13.96
C VAL B 196 -19.11 -9.50 -15.04
N GLU B 197 -19.35 -8.21 -15.23
CA GLU B 197 -18.50 -7.38 -16.12
C GLU B 197 -18.21 -6.09 -15.39
N LYS B 198 -17.06 -6.11 -14.69
CA LYS B 198 -16.63 -5.00 -13.89
C LYS B 198 -16.00 -3.91 -14.81
N ASP B 199 -16.50 -2.68 -14.73
CA ASP B 199 -15.96 -1.57 -15.54
C ASP B 199 -14.45 -1.53 -15.48
N GLY B 200 -13.76 -1.65 -16.62
CA GLY B 200 -12.32 -1.42 -16.66
C GLY B 200 -11.48 -2.68 -16.73
N GLU B 201 -12.02 -3.82 -16.30
CA GLU B 201 -11.24 -5.03 -16.16
C GLU B 201 -10.86 -5.64 -17.49
N LYS B 202 -11.78 -5.58 -18.47
CA LYS B 202 -11.53 -6.23 -19.76
C LYS B 202 -10.31 -5.59 -20.41
N GLU B 203 -10.23 -4.27 -20.34
CA GLU B 203 -9.15 -3.52 -20.97
C GLU B 203 -7.83 -3.65 -20.19
N ALA B 204 -7.91 -3.70 -18.87
CA ALA B 204 -6.71 -3.77 -18.03
C ALA B 204 -6.08 -5.14 -18.08
N PHE B 205 -6.88 -6.17 -18.40
CA PHE B 205 -6.47 -7.55 -18.16
C PHE B 205 -5.27 -8.00 -18.98
N ARG B 206 -4.40 -8.78 -18.36
CA ARG B 206 -3.22 -9.36 -19.01
C ARG B 206 -3.59 -10.55 -19.93
N GLU B 207 -4.21 -10.22 -21.06
CA GLU B 207 -4.56 -11.19 -22.11
C GLU B 207 -3.39 -11.91 -22.71
N ASP B 208 -2.25 -11.25 -22.72
CA ASP B 208 -1.03 -11.78 -23.32
C ASP B 208 -0.51 -13.00 -22.56
N LEU B 209 -0.77 -13.08 -21.24
CA LEU B 209 -0.18 -14.15 -20.45
C LEU B 209 -0.82 -15.48 -20.73
N HIS B 210 0.01 -16.50 -20.74
CA HIS B 210 -0.48 -17.85 -20.95
C HIS B 210 -1.00 -18.44 -19.62
N ASN B 211 -1.54 -19.67 -19.67
CA ASN B 211 -2.05 -20.35 -18.48
CA ASN B 211 -2.02 -20.34 -18.47
C ASN B 211 -3.16 -19.58 -17.80
N ARG B 212 -4.14 -19.18 -18.61
CA ARG B 212 -5.29 -18.43 -18.17
C ARG B 212 -6.35 -19.43 -17.74
N MET B 213 -6.68 -19.41 -16.46
CA MET B 213 -7.60 -20.39 -15.84
C MET B 213 -8.80 -19.70 -15.20
N LEU B 214 -9.94 -20.41 -15.16
CA LEU B 214 -11.11 -19.90 -14.50
C LEU B 214 -11.13 -20.48 -13.08
N LEU B 215 -10.95 -19.61 -12.07
CA LEU B 215 -10.69 -20.06 -10.71
C LEU B 215 -11.63 -19.43 -9.72
N TRP B 216 -11.71 -20.08 -8.56
CA TRP B 216 -12.66 -19.75 -7.50
C TRP B 216 -12.12 -18.73 -6.53
N HIS B 217 -13.03 -17.94 -5.96
CA HIS B 217 -12.75 -17.11 -4.79
C HIS B 217 -14.02 -16.97 -3.96
N GLY B 218 -13.90 -17.32 -2.68
CA GLY B 218 -14.94 -17.17 -1.71
C GLY B 218 -14.62 -16.04 -0.72
N SER B 219 -15.65 -15.46 -0.13
CA SER B 219 -15.45 -14.40 0.88
C SER B 219 -16.70 -14.31 1.69
N ARG B 220 -16.59 -13.70 2.85
CA ARG B 220 -17.73 -13.50 3.72
C ARG B 220 -18.80 -12.64 3.03
N MET B 221 -20.04 -12.79 3.48
CA MET B 221 -21.17 -12.10 2.85
C MET B 221 -21.06 -10.60 2.98
N SER B 222 -20.32 -10.13 3.98
CA SER B 222 -20.17 -8.72 4.22
C SER B 222 -19.26 -8.06 3.21
N ASN B 223 -18.56 -8.87 2.41
CA ASN B 223 -17.46 -8.35 1.59
C ASN B 223 -17.75 -8.09 0.11
N TRP B 224 -18.92 -8.50 -0.37
CA TRP B 224 -19.20 -8.52 -1.83
C TRP B 224 -19.41 -7.16 -2.45
N VAL B 225 -19.99 -6.25 -1.70
CA VAL B 225 -20.16 -4.88 -2.20
C VAL B 225 -18.78 -4.28 -2.42
N GLY B 226 -17.90 -4.47 -1.46
CA GLY B 226 -16.49 -4.10 -1.63
C GLY B 226 -15.78 -4.74 -2.81
N ILE B 227 -15.93 -6.06 -2.92
CA ILE B 227 -15.33 -6.79 -4.01
C ILE B 227 -15.89 -6.40 -5.42
N LEU B 228 -17.19 -6.22 -5.53
CA LEU B 228 -17.77 -5.91 -6.83
C LEU B 228 -17.46 -4.42 -7.23
N SER B 229 -17.42 -3.54 -6.24
CA SER B 229 -17.20 -2.12 -6.52
C SER B 229 -15.73 -1.77 -6.78
N HIS B 230 -14.84 -2.48 -6.09
CA HIS B 230 -13.41 -2.20 -6.17
C HIS B 230 -12.58 -3.26 -6.86
N GLY B 231 -13.21 -4.40 -7.18
CA GLY B 231 -12.48 -5.56 -7.64
C GLY B 231 -11.78 -6.30 -6.51
N LEU B 232 -11.30 -7.50 -6.81
CA LEU B 232 -10.42 -8.23 -5.89
C LEU B 232 -9.13 -7.41 -5.72
N ARG B 233 -8.67 -7.27 -4.47
CA ARG B 233 -7.54 -6.43 -4.10
C ARG B 233 -6.50 -7.26 -3.35
N ILE B 234 -5.24 -6.86 -3.50
CA ILE B 234 -4.19 -7.44 -2.64
C ILE B 234 -4.40 -6.94 -1.20
N ALA B 235 -3.77 -7.63 -0.25
CA ALA B 235 -3.90 -7.24 1.16
C ALA B 235 -3.47 -5.81 1.43
N HIS B 236 -4.08 -5.20 2.42
CA HIS B 236 -3.74 -3.88 2.86
C HIS B 236 -2.23 -3.73 3.07
N PRO B 237 -1.66 -2.58 2.65
CA PRO B 237 -0.24 -2.34 2.88
C PRO B 237 0.23 -2.40 4.36
N GLU B 238 -0.61 -2.05 5.32
CA GLU B 238 -0.22 -2.12 6.73
C GLU B 238 -0.45 -3.50 7.36
N ALA B 239 -1.06 -4.45 6.65
CA ALA B 239 -1.30 -5.79 7.24
C ALA B 239 0.00 -6.51 7.49
N PRO B 240 0.08 -7.27 8.59
CA PRO B 240 1.19 -8.18 8.85
C PRO B 240 1.38 -9.16 7.70
N ILE B 241 2.60 -9.28 7.21
CA ILE B 241 2.81 -10.19 6.12
C ILE B 241 2.56 -11.63 6.52
N THR B 242 2.68 -11.91 7.81
CA THR B 242 2.51 -13.29 8.28
C THR B 242 1.08 -13.77 8.24
N GLY B 243 0.16 -12.85 7.90
CA GLY B 243 -1.21 -13.25 7.70
C GLY B 243 -1.50 -13.98 6.40
N TYR B 244 -0.50 -14.10 5.55
CA TYR B 244 -0.67 -14.49 4.16
C TYR B 244 0.36 -15.55 3.81
N MET B 245 -0.10 -16.79 3.63
CA MET B 245 0.75 -17.96 3.38
C MET B 245 1.77 -17.72 2.27
N PHE B 246 1.35 -17.00 1.22
CA PHE B 246 2.22 -16.72 0.10
C PHE B 246 2.35 -15.24 -0.22
N GLY B 247 2.22 -14.42 0.79
CA GLY B 247 2.38 -12.96 0.65
C GLY B 247 1.13 -12.27 0.16
N LYS B 248 1.28 -11.00 -0.17
CA LYS B 248 0.13 -10.10 -0.28
C LYS B 248 -0.36 -10.05 -1.73
N GLY B 249 -1.07 -11.11 -2.10
CA GLY B 249 -1.60 -11.28 -3.46
C GLY B 249 -3.08 -11.51 -3.41
N ILE B 250 -3.67 -11.88 -4.54
CA ILE B 250 -5.07 -12.29 -4.60
C ILE B 250 -5.08 -13.81 -4.75
N TYR B 251 -5.83 -14.48 -3.87
CA TYR B 251 -5.81 -15.94 -3.69
C TYR B 251 -7.00 -16.60 -4.37
N PHE B 252 -6.73 -17.73 -5.04
CA PHE B 252 -7.72 -18.48 -5.83
C PHE B 252 -7.53 -20.00 -5.59
N ALA B 253 -8.63 -20.75 -5.62
CA ALA B 253 -8.60 -22.23 -5.53
C ALA B 253 -9.08 -22.89 -6.85
N ASP B 254 -8.61 -24.10 -7.17
CA ASP B 254 -9.27 -24.83 -8.27
C ASP B 254 -10.33 -25.83 -7.75
N MET B 255 -10.49 -25.87 -6.43
CA MET B 255 -11.47 -26.71 -5.77
C MET B 255 -12.49 -25.77 -5.16
N SER B 256 -13.73 -25.92 -5.62
CA SER B 256 -14.83 -25.03 -5.25
C SER B 256 -14.97 -24.90 -3.76
N SER B 257 -14.86 -26.03 -3.05
CA SER B 257 -15.08 -26.07 -1.63
C SER B 257 -13.94 -25.44 -0.83
N LYS B 258 -12.72 -25.47 -1.35
CA LYS B 258 -11.61 -24.75 -0.70
C LYS B 258 -11.94 -23.23 -0.58
N SER B 259 -12.41 -22.65 -1.68
CA SER B 259 -12.93 -21.28 -1.63
C SER B 259 -14.22 -21.11 -0.84
N ALA B 260 -15.16 -22.07 -0.97
CA ALA B 260 -16.45 -21.95 -0.33
C ALA B 260 -16.30 -21.94 1.19
N ASN B 261 -15.23 -22.56 1.70
CA ASN B 261 -14.95 -22.53 3.12
C ASN B 261 -14.77 -21.09 3.63
N TYR B 262 -14.17 -20.24 2.78
CA TYR B 262 -13.99 -18.79 3.08
C TYR B 262 -15.24 -17.95 3.02
N CYS B 263 -16.36 -18.57 2.63
CA CYS B 263 -17.66 -17.93 2.74
C CYS B 263 -18.12 -17.86 4.21
N PHE B 264 -17.63 -18.78 5.03
CA PHE B 264 -18.09 -18.90 6.43
C PHE B 264 -19.60 -18.92 6.57
N ALA B 265 -20.26 -19.63 5.64
CA ALA B 265 -21.67 -19.96 5.75
C ALA B 265 -21.84 -20.90 6.93
N SER B 266 -23.04 -21.01 7.43
CA SER B 266 -23.31 -21.98 8.50
C SER B 266 -24.73 -22.48 8.37
N ARG B 267 -25.09 -23.45 9.22
CA ARG B 267 -26.47 -23.96 9.28
C ARG B 267 -27.46 -22.82 9.54
N LEU B 268 -27.03 -21.77 10.23
CA LEU B 268 -27.88 -20.61 10.51
C LEU B 268 -27.97 -19.62 9.35
N LYS B 269 -26.88 -19.46 8.61
CA LYS B 269 -26.84 -18.54 7.47
C LYS B 269 -26.28 -19.33 6.31
N ASN B 270 -27.12 -20.10 5.67
CA ASN B 270 -26.69 -21.07 4.71
C ASN B 270 -26.60 -20.56 3.27
N THR B 271 -26.79 -19.26 3.02
CA THR B 271 -26.61 -18.71 1.66
C THR B 271 -25.33 -17.90 1.55
N GLY B 272 -24.51 -18.25 0.57
CA GLY B 272 -23.22 -17.58 0.30
C GLY B 272 -23.03 -17.39 -1.18
N LEU B 273 -21.97 -16.65 -1.54
CA LEU B 273 -21.63 -16.41 -2.92
C LEU B 273 -20.25 -16.90 -3.20
N LEU B 274 -20.04 -17.34 -4.44
CA LEU B 274 -18.73 -17.77 -4.93
C LEU B 274 -18.47 -17.05 -6.21
N LEU B 275 -17.25 -16.58 -6.38
CA LEU B 275 -16.86 -15.85 -7.55
C LEU B 275 -15.95 -16.71 -8.40
N LEU B 276 -16.18 -16.72 -9.70
CA LEU B 276 -15.27 -17.22 -10.70
C LEU B 276 -14.71 -16.07 -11.52
N SER B 277 -13.40 -16.13 -11.73
CA SER B 277 -12.62 -15.10 -12.40
C SER B 277 -11.67 -15.78 -13.33
N GLU B 278 -11.41 -15.12 -14.44
CA GLU B 278 -10.32 -15.49 -15.29
C GLU B 278 -9.03 -14.95 -14.63
N VAL B 279 -8.03 -15.81 -14.47
CA VAL B 279 -6.83 -15.48 -13.77
C VAL B 279 -5.65 -15.73 -14.71
N ALA B 280 -4.95 -14.65 -15.05
CA ALA B 280 -3.78 -14.74 -15.90
C ALA B 280 -2.53 -15.14 -15.12
N LEU B 281 -2.29 -16.43 -15.05
CA LEU B 281 -1.25 -17.01 -14.22
C LEU B 281 0.13 -16.87 -14.82
N GLY B 282 0.21 -16.89 -16.13
CA GLY B 282 1.52 -16.91 -16.75
C GLY B 282 2.31 -18.09 -16.22
N GLN B 283 3.58 -17.86 -15.98
CA GLN B 283 4.47 -18.85 -15.39
C GLN B 283 4.38 -18.82 -13.89
N CYS B 284 3.97 -19.93 -13.30
CA CYS B 284 3.85 -20.04 -11.84
C CYS B 284 5.17 -20.41 -11.22
N ASN B 285 5.53 -19.76 -10.10
CA ASN B 285 6.54 -20.24 -9.21
C ASN B 285 5.88 -21.22 -8.24
N GLU B 286 6.25 -22.50 -8.30
CA GLU B 286 5.54 -23.52 -7.56
C GLU B 286 6.19 -23.75 -6.20
N LEU B 287 5.42 -23.63 -5.12
CA LEU B 287 5.95 -23.84 -3.78
C LEU B 287 5.24 -24.95 -3.03
N LEU B 288 5.98 -25.54 -2.09
CA LEU B 288 5.54 -26.73 -1.38
C LEU B 288 5.06 -26.38 -0.01
N GLU B 289 5.64 -25.38 0.61
CA GLU B 289 5.22 -24.98 1.95
C GLU B 289 5.09 -23.48 2.05
N ALA B 290 4.50 -23.03 3.16
CA ALA B 290 4.24 -21.62 3.44
C ALA B 290 5.49 -20.75 3.28
N ASN B 291 5.31 -19.59 2.67
CA ASN B 291 6.34 -18.56 2.67
C ASN B 291 5.76 -17.20 2.36
N PRO B 292 5.49 -16.39 3.41
CA PRO B 292 4.94 -15.07 3.26
C PRO B 292 5.76 -14.16 2.40
N LYS B 293 7.03 -14.48 2.18
CA LYS B 293 7.89 -13.67 1.32
C LYS B 293 7.96 -14.16 -0.12
N ALA B 294 7.03 -15.02 -0.49
CA ALA B 294 7.00 -15.60 -1.80
C ALA B 294 7.00 -14.58 -2.95
N GLU B 295 6.40 -13.42 -2.77
CA GLU B 295 6.36 -12.46 -3.88
C GLU B 295 7.78 -12.13 -4.34
N GLY B 296 8.70 -12.07 -3.38
CA GLY B 296 10.13 -11.79 -3.71
C GLY B 296 10.83 -12.87 -4.51
N LEU B 297 10.28 -14.08 -4.51
CA LEU B 297 10.87 -15.20 -5.23
C LEU B 297 10.47 -15.28 -6.70
N LEU B 298 9.51 -14.48 -7.15
CA LEU B 298 9.02 -14.59 -8.52
C LEU B 298 10.12 -14.43 -9.57
N GLN B 299 10.95 -13.40 -9.42
CA GLN B 299 12.08 -13.11 -10.34
C GLN B 299 11.70 -13.31 -11.80
N GLY B 300 10.74 -12.50 -12.25
CA GLY B 300 10.25 -12.63 -13.63
C GLY B 300 8.94 -13.37 -13.79
N LYS B 301 8.77 -14.48 -13.06
CA LYS B 301 7.51 -15.28 -13.11
C LYS B 301 6.29 -14.46 -12.71
N HIS B 302 5.07 -14.94 -13.04
CA HIS B 302 3.85 -14.10 -12.90
C HIS B 302 2.87 -14.45 -11.74
N SER B 303 3.07 -15.59 -11.11
CA SER B 303 2.21 -16.07 -10.04
C SER B 303 2.91 -17.09 -9.16
N THR B 304 2.38 -17.28 -7.97
CA THR B 304 2.77 -18.39 -7.12
C THR B 304 1.68 -19.47 -7.13
N LYS B 305 2.08 -20.73 -7.25
CA LYS B 305 1.19 -21.85 -7.06
C LYS B 305 1.62 -22.62 -5.81
N GLY B 306 0.77 -22.64 -4.79
CA GLY B 306 0.95 -23.55 -3.66
C GLY B 306 0.45 -24.92 -4.04
N LEU B 307 1.35 -25.91 -4.04
CA LEU B 307 1.09 -27.25 -4.59
C LEU B 307 0.41 -28.12 -3.56
N GLY B 308 -0.77 -28.61 -3.91
CA GLY B 308 -1.53 -29.52 -3.04
C GLY B 308 -1.36 -30.99 -3.46
N LYS B 309 -1.72 -31.88 -2.56
CA LYS B 309 -1.67 -33.35 -2.74
C LYS B 309 -2.72 -33.88 -3.72
N MET B 310 -3.87 -33.18 -3.79
CA MET B 310 -4.99 -33.54 -4.66
C MET B 310 -5.37 -32.38 -5.55
N ALA B 311 -5.55 -32.65 -6.85
CA ALA B 311 -5.93 -31.63 -7.82
C ALA B 311 -6.65 -32.26 -8.99
N PRO B 312 -7.53 -31.47 -9.65
CA PRO B 312 -8.13 -31.86 -10.93
C PRO B 312 -7.01 -32.16 -11.94
N SER B 313 -7.30 -33.01 -12.95
CA SER B 313 -6.29 -33.50 -13.91
C SER B 313 -6.64 -32.99 -15.27
N SER B 314 -5.62 -32.65 -16.06
CA SER B 314 -5.80 -32.04 -17.39
C SER B 314 -6.72 -32.79 -18.34
N ALA B 315 -6.78 -34.12 -18.20
CA ALA B 315 -7.60 -34.98 -19.06
C ALA B 315 -9.04 -34.48 -19.11
N HIS B 316 -9.54 -34.03 -17.95
CA HIS B 316 -10.94 -33.64 -17.81
C HIS B 316 -11.21 -32.16 -18.03
N PHE B 317 -10.22 -31.40 -18.47
CA PHE B 317 -10.38 -29.95 -18.55
C PHE B 317 -11.17 -29.61 -19.80
N VAL B 318 -11.95 -28.53 -19.71
CA VAL B 318 -12.55 -27.90 -20.89
C VAL B 318 -12.17 -26.39 -20.86
N THR B 319 -12.43 -25.69 -21.94
CA THR B 319 -12.15 -24.28 -21.97
C THR B 319 -13.48 -23.56 -22.17
N LEU B 320 -13.59 -22.37 -21.57
CA LEU B 320 -14.77 -21.55 -21.65
C LEU B 320 -14.30 -20.14 -21.98
N ASN B 321 -14.59 -19.70 -23.22
CA ASN B 321 -14.20 -18.40 -23.76
C ASN B 321 -12.74 -18.06 -23.53
N GLY B 322 -11.86 -19.04 -23.76
CA GLY B 322 -10.43 -18.78 -23.70
C GLY B 322 -9.76 -19.06 -22.38
N SER B 323 -10.50 -19.52 -21.38
CA SER B 323 -9.94 -19.87 -20.11
C SER B 323 -10.17 -21.31 -19.83
N THR B 324 -9.15 -21.96 -19.26
CA THR B 324 -9.28 -23.36 -18.87
C THR B 324 -10.12 -23.50 -17.61
N VAL B 325 -11.03 -24.47 -17.64
CA VAL B 325 -11.86 -24.84 -16.51
C VAL B 325 -11.34 -26.20 -16.07
N PRO B 326 -10.74 -26.29 -14.87
CA PRO B 326 -10.17 -27.54 -14.36
C PRO B 326 -11.20 -28.40 -13.68
N LEU B 327 -12.10 -28.95 -14.47
CA LEU B 327 -13.12 -29.86 -13.92
C LEU B 327 -12.50 -31.03 -13.19
N GLY B 328 -13.22 -31.49 -12.19
CA GLY B 328 -12.79 -32.58 -11.34
C GLY B 328 -13.15 -33.91 -11.98
N PRO B 329 -12.98 -35.02 -11.23
CA PRO B 329 -12.54 -34.98 -9.84
C PRO B 329 -11.05 -34.79 -9.64
N ALA B 330 -10.71 -34.45 -8.41
CA ALA B 330 -9.35 -34.33 -7.98
C ALA B 330 -8.70 -35.71 -7.95
N SER B 331 -7.41 -35.79 -8.19
CA SER B 331 -6.68 -37.01 -7.92
C SER B 331 -5.28 -36.68 -7.49
N ASP B 332 -4.58 -37.68 -6.95
CA ASP B 332 -3.27 -37.47 -6.35
C ASP B 332 -2.31 -36.82 -7.30
N THR B 333 -1.54 -35.85 -6.80
CA THR B 333 -0.63 -35.11 -7.66
C THR B 333 0.79 -35.65 -7.64
N GLY B 334 1.07 -36.55 -6.70
CA GLY B 334 2.41 -37.06 -6.51
C GLY B 334 3.24 -36.16 -5.61
N ILE B 335 2.60 -35.11 -5.08
CA ILE B 335 3.26 -34.11 -4.26
C ILE B 335 3.11 -34.50 -2.80
N TYR B 341 4.77 -31.06 5.93
CA TYR B 341 3.39 -30.54 5.96
C TYR B 341 3.00 -30.00 4.59
N THR B 342 2.08 -30.69 3.92
CA THR B 342 1.73 -30.39 2.54
C THR B 342 0.27 -29.92 2.45
N LEU B 343 0.02 -28.92 1.60
CA LEU B 343 -1.36 -28.48 1.34
C LEU B 343 -2.20 -29.66 0.84
N ASN B 344 -3.46 -29.67 1.19
CA ASN B 344 -4.38 -30.66 0.69
C ASN B 344 -4.74 -30.39 -0.74
N TYR B 345 -4.91 -29.09 -1.08
CA TYR B 345 -5.36 -28.65 -2.40
C TYR B 345 -4.53 -27.44 -2.83
N ASN B 346 -4.38 -27.28 -4.15
CA ASN B 346 -3.68 -26.16 -4.75
C ASN B 346 -4.20 -24.83 -4.23
N GLU B 347 -3.38 -23.80 -4.35
CA GLU B 347 -3.91 -22.44 -4.37
C GLU B 347 -3.01 -21.61 -5.23
N TYR B 348 -3.59 -20.58 -5.84
CA TYR B 348 -2.91 -19.74 -6.84
C TYR B 348 -2.94 -18.29 -6.39
N ILE B 349 -1.82 -17.59 -6.54
CA ILE B 349 -1.74 -16.20 -6.08
C ILE B 349 -1.15 -15.34 -7.18
N VAL B 350 -1.84 -14.27 -7.53
CA VAL B 350 -1.28 -13.25 -8.43
C VAL B 350 -1.17 -11.97 -7.63
N TYR B 351 -0.19 -11.13 -7.95
CA TYR B 351 0.11 -9.96 -7.11
C TYR B 351 -0.23 -8.60 -7.77
N ASN B 352 -0.93 -8.64 -8.89
CA ASN B 352 -1.41 -7.44 -9.58
C ASN B 352 -2.86 -7.68 -10.00
N PRO B 353 -3.73 -6.73 -9.69
CA PRO B 353 -5.14 -6.95 -10.04
C PRO B 353 -5.42 -7.03 -11.54
N ASN B 354 -4.51 -6.57 -12.39
CA ASN B 354 -4.69 -6.69 -13.83
C ASN B 354 -4.50 -8.12 -14.35
N GLN B 355 -4.17 -9.04 -13.46
CA GLN B 355 -4.19 -10.47 -13.78
C GLN B 355 -5.52 -11.17 -13.45
N VAL B 356 -6.53 -10.37 -13.14
CA VAL B 356 -7.83 -10.87 -12.73
C VAL B 356 -8.93 -10.20 -13.55
N ARG B 357 -9.85 -11.01 -14.10
CA ARG B 357 -11.09 -10.48 -14.67
C ARG B 357 -12.25 -11.29 -14.15
N MET B 358 -13.04 -10.66 -13.30
CA MET B 358 -14.17 -11.34 -12.68
C MET B 358 -15.17 -11.71 -13.77
N ARG B 359 -15.72 -12.93 -13.69
CA ARG B 359 -16.61 -13.41 -14.75
C ARG B 359 -17.96 -13.96 -14.34
N TYR B 360 -18.04 -14.73 -13.26
CA TYR B 360 -19.32 -15.25 -12.77
C TYR B 360 -19.46 -15.11 -11.24
N LEU B 361 -20.67 -14.82 -10.82
CA LEU B 361 -21.05 -14.85 -9.44
C LEU B 361 -22.16 -15.88 -9.20
N LEU B 362 -21.87 -16.88 -8.35
CA LEU B 362 -22.80 -17.97 -7.99
C LEU B 362 -23.46 -17.68 -6.66
N LYS B 363 -24.78 -17.83 -6.62
CA LYS B 363 -25.50 -17.79 -5.37
C LYS B 363 -25.69 -19.24 -4.93
N VAL B 364 -25.14 -19.57 -3.77
CA VAL B 364 -25.02 -20.95 -3.32
C VAL B 364 -25.75 -21.20 -2.03
N GLN B 365 -26.50 -22.29 -2.02
CA GLN B 365 -27.11 -22.80 -0.81
C GLN B 365 -26.25 -23.91 -0.27
N PHE B 366 -25.85 -23.76 0.98
CA PHE B 366 -24.99 -24.69 1.67
C PHE B 366 -25.89 -25.66 2.46
N ASN B 367 -25.68 -26.97 2.30
CA ASN B 367 -26.56 -27.97 2.90
C ASN B 367 -25.76 -28.71 3.96
N PHE B 368 -26.02 -28.34 5.22
CA PHE B 368 -25.27 -28.87 6.39
C PHE B 368 -25.96 -30.13 7.05
C4 78P C . 19.10 12.09 0.14
C5 78P C . 19.02 13.07 1.13
C6 78P C . 20.14 13.37 1.90
C8 78P C . 18.89 10.68 -1.45
C10 78P C . 17.73 13.86 1.39
C13 78P C . 18.28 9.79 -2.53
C15 78P C . 16.06 9.37 -1.79
C17 78P C . 18.26 8.37 -2.01
C1 78P C . 21.34 12.69 1.72
C2 78P C . 21.41 11.72 0.74
C3 78P C . 20.30 11.43 -0.05
N7 78P C . 20.14 10.58 -1.06
N9 78P C . 18.22 11.56 -0.75
N11 78P C . 16.70 13.57 0.63
O12 78P C . 17.71 14.79 2.19
N14 78P C . 16.86 10.15 -2.74
C16 78P C . 16.97 8.26 -1.24
C18 78P C . 19.10 9.80 -3.81
C1 GOL D . 17.31 23.49 -5.10
O1 GOL D . 16.43 22.57 -4.45
C2 GOL D . 18.52 22.87 -5.78
O2 GOL D . 18.27 21.60 -6.36
C3 GOL D . 19.12 23.78 -6.88
O3 GOL D . 20.53 23.59 -6.95
C4 78P E . -8.15 -18.09 -0.16
C5 78P E . -9.02 -18.57 -1.15
C6 78P E . -8.63 -19.64 -1.92
C8 78P E . -7.13 -17.05 1.48
C10 78P E . -10.43 -17.90 -1.37
C13 78P E . -6.80 -16.06 2.58
C15 78P E . -7.61 -14.02 1.73
C17 78P E . -5.57 -15.24 2.21
C1 78P E . -7.40 -20.26 -1.72
C2 78P E . -6.55 -19.82 -0.69
C3 78P E . -6.92 -18.71 0.07
N7 78P E . -6.31 -18.04 1.10
N9 78P E . -8.25 -17.07 0.74
N11 78P E . -10.69 -16.87 -0.57
O12 78P E . -11.30 -18.36 -2.11
N14 78P E . -7.84 -15.03 2.74
C16 78P E . -6.13 -14.14 1.35
C18 78P E . -6.56 -16.80 3.89
C1 GOL F . -18.82 -22.97 4.84
O1 GOL F . -18.54 -21.69 4.33
C2 GOL F . -17.60 -23.59 5.52
O2 GOL F . -16.78 -22.70 6.29
C3 GOL F . -18.05 -24.74 6.43
O3 GOL F . -16.92 -25.57 6.49
#